data_8UZ7
#
_entry.id   8UZ7
#
_cell.length_a   73.564
_cell.length_b   84.253
_cell.length_c   73.739
_cell.angle_alpha   90.000
_cell.angle_beta   92.690
_cell.angle_gamma   90.000
#
_symmetry.space_group_name_H-M   'P 1 21 1'
#
loop_
_entity.id
_entity.type
_entity.pdbx_description
1 polymer 'Triosephosphate isomerase'
2 non-polymer 'CHLORIDE ION'
3 non-polymer 'MAGNESIUM ION'
4 water water
#
_entity_poly.entity_id   1
_entity_poly.type   'polypeptide(L)'
_entity_poly.pdbx_seq_one_letter_code
;MSSPRKFFVIGNWKMNVDKNRINGIVKMMNKAALDPNTEAVVGCPSCYLSHAREHLSPSIGVAAQNCYKVARGNFSGEIS
PEMIKDCGCDWVILGHPERRTIFSEPDSFIAEKVAHAQEAGMKIIACLCETTEDRKEGRTKEVLFKQLKSLAGAIRDWSR
VVLAFEALWASNTGVFATNQQVQEALALVRDWLRNNVSERVADTTRLLYAGSVNSGNCREMAALKDLDGFLVGSAALKPD
IVDIINARG
;
_entity_poly.pdbx_strand_id   A,B,C,D
#
# COMPACT_ATOMS: atom_id res chain seq x y z
N ARG A 5 -5.54 25.62 -23.47
CA ARG A 5 -6.23 24.55 -22.75
C ARG A 5 -6.95 23.69 -23.75
N LYS A 6 -6.61 22.42 -23.81
CA LYS A 6 -7.19 21.54 -24.80
C LYS A 6 -8.62 21.18 -24.41
N PHE A 7 -9.55 21.36 -25.35
CA PHE A 7 -10.95 21.01 -25.15
C PHE A 7 -11.03 19.57 -24.65
N PHE A 8 -11.87 19.35 -23.64
CA PHE A 8 -11.89 18.06 -22.93
C PHE A 8 -13.33 17.63 -22.72
N VAL A 9 -13.66 16.41 -23.14
CA VAL A 9 -15.00 15.89 -23.00
C VAL A 9 -14.91 14.53 -22.33
N ILE A 10 -15.58 14.38 -21.20
CA ILE A 10 -15.69 13.06 -20.56
C ILE A 10 -17.15 12.65 -20.51
N GLY A 11 -17.43 11.45 -21.05
CA GLY A 11 -18.77 10.87 -21.03
C GLY A 11 -18.86 9.82 -19.95
N ASN A 12 -19.65 10.08 -18.89
CA ASN A 12 -19.71 9.22 -17.72
C ASN A 12 -20.89 8.25 -17.88
N TRP A 13 -20.57 6.96 -18.05
CA TRP A 13 -21.61 5.95 -18.22
C TRP A 13 -22.32 5.61 -16.92
N LYS A 14 -21.84 6.10 -15.77
CA LYS A 14 -22.43 5.88 -14.45
C LYS A 14 -22.74 4.39 -14.30
N MET A 15 -23.94 4.01 -13.81
CA MET A 15 -24.29 2.61 -13.67
C MET A 15 -25.32 2.23 -14.75
N ASN A 16 -25.11 2.72 -15.97
CA ASN A 16 -26.12 2.67 -17.02
C ASN A 16 -25.73 1.77 -18.20
N VAL A 17 -24.69 0.95 -18.07
CA VAL A 17 -24.24 0.12 -19.19
C VAL A 17 -24.02 -1.30 -18.72
N ASP A 18 -24.11 -2.22 -19.67
CA ASP A 18 -23.57 -3.56 -19.55
C ASP A 18 -22.60 -3.77 -20.70
N LYS A 19 -22.06 -4.98 -20.81
CA LYS A 19 -21.07 -5.24 -21.86
C LYS A 19 -21.63 -4.92 -23.24
N ASN A 20 -22.87 -5.36 -23.50
CA ASN A 20 -23.46 -5.16 -24.82
C ASN A 20 -23.58 -3.68 -25.15
N ARG A 21 -24.07 -2.89 -24.20
CA ARG A 21 -24.18 -1.45 -24.42
C ARG A 21 -22.81 -0.82 -24.63
N ILE A 22 -21.81 -1.24 -23.84
CA ILE A 22 -20.46 -0.70 -24.01
C ILE A 22 -19.94 -1.01 -25.41
N ASN A 23 -20.15 -2.24 -25.87
CA ASN A 23 -19.72 -2.60 -27.22
C ASN A 23 -20.30 -1.67 -28.27
N GLY A 24 -21.59 -1.32 -28.13
CA GLY A 24 -22.19 -0.42 -29.10
C GLY A 24 -21.61 0.98 -29.02
N ILE A 25 -21.49 1.52 -27.80
CA ILE A 25 -20.89 2.84 -27.63
C ILE A 25 -19.45 2.87 -28.15
N VAL A 26 -18.68 1.82 -27.85
CA VAL A 26 -17.27 1.81 -28.24
C VAL A 26 -17.14 1.70 -29.76
N LYS A 27 -17.98 0.88 -30.39
CA LYS A 27 -17.99 0.80 -31.85
C LYS A 27 -18.35 2.16 -32.46
N MET A 28 -19.35 2.83 -31.90
CA MET A 28 -19.74 4.14 -32.39
C MET A 28 -18.58 5.14 -32.27
N MET A 29 -17.96 5.22 -31.09
CA MET A 29 -16.87 6.19 -30.92
C MET A 29 -15.66 5.81 -31.75
N ASN A 30 -15.40 4.52 -31.92
CA ASN A 30 -14.26 4.08 -32.75
C ASN A 30 -14.46 4.43 -34.22
N LYS A 31 -15.72 4.46 -34.70
CA LYS A 31 -16.00 4.66 -36.12
C LYS A 31 -16.18 6.12 -36.49
N ALA A 32 -16.65 6.95 -35.56
CA ALA A 32 -17.00 8.32 -35.87
C ALA A 32 -15.76 9.14 -36.19
N ALA A 33 -15.94 10.15 -37.04
CA ALA A 33 -14.91 11.15 -37.21
C ALA A 33 -14.91 12.07 -35.99
N LEU A 34 -13.82 12.04 -35.22
CA LEU A 34 -13.70 12.83 -34.01
C LEU A 34 -12.66 13.93 -34.21
N ASP A 35 -12.96 15.10 -33.68
CA ASP A 35 -12.02 16.22 -33.68
C ASP A 35 -10.72 15.80 -33.03
N PRO A 36 -9.58 15.81 -33.73
CA PRO A 36 -8.31 15.45 -33.09
C PRO A 36 -7.88 16.41 -32.00
N ASN A 37 -8.42 17.62 -31.98
CA ASN A 37 -8.08 18.62 -30.98
C ASN A 37 -8.93 18.51 -29.72
N THR A 38 -9.71 17.45 -29.57
CA THR A 38 -10.45 17.22 -28.34
C THR A 38 -9.84 16.04 -27.60
N GLU A 39 -9.59 16.22 -26.31
CA GLU A 39 -9.20 15.12 -25.44
C GLU A 39 -10.48 14.50 -24.89
N ALA A 40 -10.73 13.24 -25.25
CA ALA A 40 -11.97 12.57 -24.92
C ALA A 40 -11.67 11.43 -23.96
N VAL A 41 -12.57 11.23 -22.99
CA VAL A 41 -12.46 10.17 -21.98
C VAL A 41 -13.87 9.63 -21.74
N VAL A 42 -13.97 8.36 -21.34
CA VAL A 42 -15.25 7.80 -20.92
C VAL A 42 -15.12 7.33 -19.48
N GLY A 43 -16.19 7.48 -18.71
CA GLY A 43 -16.24 7.04 -17.33
C GLY A 43 -16.96 5.70 -17.23
N CYS A 44 -16.22 4.67 -16.79
CA CYS A 44 -16.64 3.30 -16.98
C CYS A 44 -16.83 2.60 -15.64
N PRO A 45 -17.82 1.72 -15.51
CA PRO A 45 -17.97 0.97 -14.25
C PRO A 45 -16.76 0.10 -14.00
N SER A 46 -16.42 -0.07 -12.71
CA SER A 46 -15.20 -0.78 -12.36
C SER A 46 -15.15 -2.16 -13.00
N CYS A 47 -16.29 -2.86 -13.05
CA CYS A 47 -16.27 -4.22 -13.56
C CYS A 47 -16.08 -4.31 -15.06
N TYR A 48 -16.08 -3.20 -15.79
CA TYR A 48 -15.89 -3.23 -17.23
C TYR A 48 -14.65 -2.48 -17.68
N LEU A 49 -13.78 -2.03 -16.75
CA LEU A 49 -12.65 -1.20 -17.14
C LEU A 49 -11.78 -1.88 -18.18
N SER A 50 -11.38 -3.12 -17.92
CA SER A 50 -10.49 -3.84 -18.84
C SER A 50 -11.17 -4.03 -20.19
N HIS A 51 -12.44 -4.40 -20.16
CA HIS A 51 -13.18 -4.62 -21.40
C HIS A 51 -13.24 -3.35 -22.22
N ALA A 52 -13.61 -2.23 -21.59
CA ALA A 52 -13.69 -0.97 -22.32
C ALA A 52 -12.32 -0.55 -22.85
N ARG A 53 -11.29 -0.71 -22.03
CA ARG A 53 -9.98 -0.19 -22.41
C ARG A 53 -9.39 -0.98 -23.58
N GLU A 54 -9.60 -2.29 -23.58
CA GLU A 54 -9.06 -3.13 -24.67
C GLU A 54 -9.68 -2.79 -26.03
N HIS A 55 -10.96 -2.44 -26.06
CA HIS A 55 -11.69 -2.27 -27.31
C HIS A 55 -11.70 -0.84 -27.81
N LEU A 56 -11.67 0.13 -26.90
CA LEU A 56 -11.83 1.53 -27.28
C LEU A 56 -10.54 2.08 -27.88
N SER A 57 -10.71 2.98 -28.87
CA SER A 57 -9.59 3.74 -29.42
C SER A 57 -8.64 4.20 -28.33
N PRO A 58 -7.35 3.88 -28.45
CA PRO A 58 -6.39 4.26 -27.40
C PRO A 58 -6.28 5.76 -27.20
N SER A 59 -6.66 6.58 -28.19
CA SER A 59 -6.65 8.02 -28.05
C SER A 59 -7.76 8.53 -27.13
N ILE A 60 -8.74 7.70 -26.80
CA ILE A 60 -9.83 8.05 -25.89
C ILE A 60 -9.49 7.42 -24.54
N GLY A 61 -9.42 8.24 -23.49
CA GLY A 61 -9.15 7.70 -22.16
C GLY A 61 -10.32 6.92 -21.58
N VAL A 62 -10.00 6.09 -20.58
CA VAL A 62 -10.99 5.39 -19.77
C VAL A 62 -10.74 5.73 -18.30
N ALA A 63 -11.78 6.22 -17.62
CA ALA A 63 -11.69 6.63 -16.21
C ALA A 63 -12.54 5.69 -15.35
N ALA A 64 -11.98 5.21 -14.26
CA ALA A 64 -12.83 4.66 -13.24
C ALA A 64 -13.66 5.79 -12.63
N GLN A 65 -14.80 5.42 -12.05
CA GLN A 65 -15.74 6.39 -11.51
C GLN A 65 -15.52 6.70 -10.03
N ASN A 66 -14.58 6.02 -9.39
CA ASN A 66 -14.27 6.13 -7.97
C ASN A 66 -13.05 5.25 -7.70
N CYS A 67 -12.39 5.50 -6.59
CA CYS A 67 -11.38 4.58 -6.06
C CYS A 67 -11.20 4.88 -4.58
N TYR A 68 -10.37 4.08 -3.92
CA TYR A 68 -10.08 4.26 -2.50
C TYR A 68 -8.74 4.97 -2.33
N LYS A 69 -8.30 5.11 -1.08
CA LYS A 69 -7.24 6.04 -0.70
C LYS A 69 -5.91 5.39 -0.39
N VAL A 70 -5.78 4.08 -0.59
CA VAL A 70 -4.53 3.36 -0.44
C VAL A 70 -4.42 2.34 -1.57
N ALA A 71 -3.22 1.75 -1.71
CA ALA A 71 -2.94 0.88 -2.84
C ALA A 71 -3.46 -0.52 -2.62
N ARG A 72 -3.51 -0.96 -1.37
CA ARG A 72 -3.82 -2.33 -1.01
C ARG A 72 -4.52 -2.32 0.33
N GLY A 73 -5.12 -3.44 0.68
CA GLY A 73 -5.58 -3.58 2.05
C GLY A 73 -6.88 -4.33 2.21
N ASN A 74 -7.32 -4.48 3.46
CA ASN A 74 -8.55 -5.19 3.79
C ASN A 74 -9.72 -4.23 3.69
N PHE A 75 -10.08 -3.92 2.44
CA PHE A 75 -11.14 -2.97 2.12
C PHE A 75 -12.04 -3.60 1.06
N SER A 76 -12.77 -4.64 1.46
CA SER A 76 -13.70 -5.31 0.56
C SER A 76 -14.61 -4.30 -0.12
N GLY A 77 -14.78 -4.46 -1.42
CA GLY A 77 -15.66 -3.60 -2.20
C GLY A 77 -14.99 -2.35 -2.75
N GLU A 78 -13.71 -2.13 -2.43
CA GLU A 78 -12.98 -0.97 -2.93
C GLU A 78 -11.92 -1.39 -3.95
N ILE A 79 -11.55 -0.45 -4.83
CA ILE A 79 -10.46 -0.64 -5.77
C ILE A 79 -9.51 0.54 -5.67
N SER A 80 -8.25 0.29 -5.99
CA SER A 80 -7.23 1.31 -5.85
C SER A 80 -6.78 1.83 -7.20
N PRO A 81 -6.16 3.02 -7.21
CA PRO A 81 -5.52 3.51 -8.44
C PRO A 81 -4.56 2.51 -9.05
N GLU A 82 -3.86 1.76 -8.19
CA GLU A 82 -2.91 0.77 -8.68
C GLU A 82 -3.64 -0.31 -9.48
N MET A 83 -4.85 -0.67 -9.04
CA MET A 83 -5.66 -1.65 -9.75
C MET A 83 -6.24 -1.07 -11.05
N ILE A 84 -6.62 0.20 -11.03
CA ILE A 84 -7.11 0.83 -12.26
C ILE A 84 -6.02 0.82 -13.32
N LYS A 85 -4.81 1.26 -12.95
CA LYS A 85 -3.68 1.21 -13.87
C LYS A 85 -3.42 -0.21 -14.35
N ASP A 86 -3.59 -1.19 -13.47
CA ASP A 86 -3.42 -2.60 -13.84
C ASP A 86 -4.38 -3.02 -14.93
N CYS A 87 -5.57 -2.40 -15.01
CA CYS A 87 -6.53 -2.61 -16.07
C CYS A 87 -6.22 -1.78 -17.32
N GLY A 88 -5.08 -1.08 -17.34
CA GLY A 88 -4.70 -0.29 -18.49
C GLY A 88 -5.22 1.13 -18.52
N CYS A 89 -5.87 1.59 -17.45
CA CYS A 89 -6.59 2.86 -17.47
C CYS A 89 -5.82 3.93 -16.69
N ASP A 90 -5.83 5.16 -17.21
CA ASP A 90 -5.02 6.24 -16.68
C ASP A 90 -5.81 7.22 -15.82
N TRP A 91 -7.14 7.17 -15.86
CA TRP A 91 -7.96 8.23 -15.33
C TRP A 91 -8.84 7.73 -14.19
N VAL A 92 -9.24 8.66 -13.31
CA VAL A 92 -10.26 8.37 -12.30
C VAL A 92 -11.04 9.65 -12.02
N ILE A 93 -12.36 9.49 -11.87
CA ILE A 93 -13.26 10.53 -11.41
C ILE A 93 -13.32 10.46 -9.88
N LEU A 94 -13.07 11.60 -9.22
CA LEU A 94 -13.08 11.63 -7.76
C LEU A 94 -13.98 12.75 -7.28
N GLY A 95 -14.72 12.50 -6.20
CA GLY A 95 -15.62 13.52 -5.70
C GLY A 95 -16.84 13.76 -6.54
N HIS A 96 -17.26 12.76 -7.33
CA HIS A 96 -18.45 12.93 -8.15
C HIS A 96 -19.65 13.29 -7.28
N PRO A 97 -20.51 14.20 -7.75
CA PRO A 97 -21.68 14.62 -6.96
C PRO A 97 -22.50 13.48 -6.43
N GLU A 98 -22.60 12.36 -7.15
CA GLU A 98 -23.36 11.24 -6.61
C GLU A 98 -22.67 10.60 -5.41
N ARG A 99 -21.33 10.58 -5.38
CA ARG A 99 -20.62 10.10 -4.19
C ARG A 99 -20.77 11.09 -3.04
N ARG A 100 -20.72 12.39 -3.33
CA ARG A 100 -20.80 13.38 -2.26
C ARG A 100 -22.16 13.39 -1.59
N THR A 101 -23.22 13.07 -2.34
CA THR A 101 -24.56 13.19 -1.80
C THR A 101 -25.08 11.85 -1.35
N ILE A 102 -25.30 10.92 -2.30
CA ILE A 102 -25.85 9.60 -1.99
C ILE A 102 -24.98 8.86 -0.98
N PHE A 103 -23.67 8.90 -1.15
CA PHE A 103 -22.74 8.16 -0.30
C PHE A 103 -22.04 9.05 0.72
N SER A 104 -22.44 10.32 0.81
CA SER A 104 -22.01 11.21 1.89
C SER A 104 -20.50 11.27 2.02
N GLU A 105 -19.78 11.19 0.91
CA GLU A 105 -18.32 11.24 0.99
C GLU A 105 -17.88 12.64 1.41
N PRO A 106 -17.16 12.79 2.50
CA PRO A 106 -16.72 14.13 2.92
C PRO A 106 -15.53 14.63 2.11
N ASP A 107 -15.36 15.96 2.15
CA ASP A 107 -14.25 16.57 1.42
C ASP A 107 -12.91 15.97 1.85
N SER A 108 -12.72 15.73 3.15
CA SER A 108 -11.45 15.18 3.61
C SER A 108 -11.20 13.77 3.07
N PHE A 109 -12.26 12.98 2.92
CA PHE A 109 -12.14 11.65 2.31
C PHE A 109 -11.70 11.76 0.85
N ILE A 110 -12.39 12.62 0.09
CA ILE A 110 -12.05 12.85 -1.30
C ILE A 110 -10.60 13.32 -1.41
N ALA A 111 -10.17 14.21 -0.49
CA ALA A 111 -8.80 14.71 -0.54
C ALA A 111 -7.79 13.59 -0.35
N GLU A 112 -8.06 12.67 0.57
CA GLU A 112 -7.17 11.54 0.77
C GLU A 112 -7.08 10.69 -0.50
N LYS A 113 -8.21 10.51 -1.19
CA LYS A 113 -8.22 9.79 -2.47
C LYS A 113 -7.41 10.52 -3.53
N VAL A 114 -7.61 11.83 -3.65
CA VAL A 114 -6.89 12.60 -4.66
C VAL A 114 -5.39 12.53 -4.40
N ALA A 115 -4.99 12.68 -3.14
CA ALA A 115 -3.57 12.64 -2.81
C ALA A 115 -2.95 11.31 -3.20
N HIS A 116 -3.62 10.20 -2.90
CA HIS A 116 -3.02 8.92 -3.24
C HIS A 116 -3.06 8.67 -4.74
N ALA A 117 -4.15 9.05 -5.41
CA ALA A 117 -4.22 8.89 -6.85
C ALA A 117 -3.10 9.66 -7.54
N GLN A 118 -2.80 10.86 -7.05
CA GLN A 118 -1.68 11.61 -7.63
C GLN A 118 -0.35 10.88 -7.46
N GLU A 119 -0.09 10.34 -6.27
CA GLU A 119 1.15 9.60 -6.06
C GLU A 119 1.23 8.37 -6.96
N ALA A 120 0.09 7.76 -7.26
CA ALA A 120 0.02 6.59 -8.13
C ALA A 120 0.16 6.94 -9.60
N GLY A 121 0.27 8.22 -9.94
CA GLY A 121 0.42 8.60 -11.33
C GLY A 121 -0.89 8.72 -12.09
N MET A 122 -2.02 8.81 -11.40
CA MET A 122 -3.28 8.91 -12.10
C MET A 122 -3.49 10.31 -12.65
N LYS A 123 -4.35 10.40 -13.64
CA LYS A 123 -4.98 11.65 -14.02
C LYS A 123 -6.37 11.66 -13.40
N ILE A 124 -6.77 12.82 -12.88
CA ILE A 124 -7.98 12.91 -12.05
C ILE A 124 -8.94 13.90 -12.68
N ILE A 125 -10.22 13.51 -12.75
CA ILE A 125 -11.32 14.44 -12.97
C ILE A 125 -11.92 14.66 -11.58
N ALA A 126 -11.58 15.79 -10.97
CA ALA A 126 -12.10 16.13 -9.65
C ALA A 126 -13.35 16.98 -9.78
N CYS A 127 -14.41 16.60 -9.07
CA CYS A 127 -15.70 17.24 -9.22
C CYS A 127 -16.02 18.17 -8.05
N LEU A 128 -16.64 19.29 -8.38
CA LEU A 128 -17.22 20.26 -7.47
C LEU A 128 -18.73 20.25 -7.67
N CYS A 129 -19.48 20.63 -6.64
CA CYS A 129 -20.92 20.71 -6.88
C CYS A 129 -21.57 21.61 -5.85
N GLU A 130 -22.71 22.17 -6.24
CA GLU A 130 -23.53 22.91 -5.30
C GLU A 130 -24.93 22.33 -5.36
N THR A 131 -25.60 22.28 -4.21
CA THR A 131 -26.94 21.73 -4.13
C THR A 131 -27.99 22.80 -4.35
N THR A 132 -29.24 22.37 -4.44
CA THR A 132 -30.36 23.32 -4.50
C THR A 132 -30.34 24.24 -3.30
N GLU A 133 -30.16 23.67 -2.10
CA GLU A 133 -30.11 24.49 -0.90
C GLU A 133 -28.96 25.49 -0.95
N ASP A 134 -27.78 25.06 -1.41
CA ASP A 134 -26.65 25.97 -1.55
C ASP A 134 -27.01 27.19 -2.38
N ARG A 135 -27.66 26.97 -3.53
CA ARG A 135 -27.91 28.05 -4.48
C ARG A 135 -29.02 28.98 -3.97
N LYS A 136 -30.06 28.41 -3.35
CA LYS A 136 -31.15 29.24 -2.83
C LYS A 136 -30.70 30.10 -1.65
N GLU A 137 -29.77 29.60 -0.84
CA GLU A 137 -29.29 30.34 0.32
C GLU A 137 -28.09 31.23 0.00
N GLY A 138 -27.73 31.37 -1.28
CA GLY A 138 -26.63 32.21 -1.67
C GLY A 138 -25.26 31.74 -1.23
N ARG A 139 -25.07 30.42 -1.10
CA ARG A 139 -23.81 29.86 -0.61
C ARG A 139 -22.94 29.30 -1.74
N THR A 140 -23.29 29.58 -3.00
CA THR A 140 -22.53 29.04 -4.14
C THR A 140 -21.03 29.25 -3.98
N LYS A 141 -20.61 30.50 -3.75
CA LYS A 141 -19.18 30.78 -3.62
C LYS A 141 -18.58 30.13 -2.39
N GLU A 142 -19.32 30.09 -1.27
CA GLU A 142 -18.81 29.48 -0.05
C GLU A 142 -18.53 28.00 -0.25
N VAL A 143 -19.47 27.30 -0.90
CA VAL A 143 -19.31 25.86 -1.09
C VAL A 143 -18.17 25.57 -2.05
N LEU A 144 -18.04 26.38 -3.11
CA LEU A 144 -16.96 26.16 -4.06
C LEU A 144 -15.61 26.44 -3.43
N PHE A 145 -15.51 27.50 -2.62
CA PHE A 145 -14.24 27.77 -1.97
CA PHE A 145 -14.25 27.79 -1.94
C PHE A 145 -13.83 26.62 -1.07
N LYS A 146 -14.77 26.09 -0.29
CA LYS A 146 -14.48 24.98 0.61
C LYS A 146 -14.02 23.75 -0.14
N GLN A 147 -14.75 23.37 -1.19
CA GLN A 147 -14.39 22.18 -1.96
C GLN A 147 -13.04 22.36 -2.65
N LEU A 148 -12.77 23.53 -3.23
CA LEU A 148 -11.49 23.74 -3.89
C LEU A 148 -10.34 23.77 -2.88
N LYS A 149 -10.52 24.46 -1.75
CA LYS A 149 -9.48 24.49 -0.72
C LYS A 149 -9.10 23.08 -0.30
N SER A 150 -10.10 22.22 -0.13
CA SER A 150 -9.83 20.84 0.26
C SER A 150 -9.04 20.11 -0.83
N LEU A 151 -9.46 20.27 -2.09
CA LEU A 151 -8.78 19.57 -3.19
C LEU A 151 -7.35 20.07 -3.37
N ALA A 152 -7.16 21.39 -3.37
CA ALA A 152 -5.84 21.95 -3.60
C ALA A 152 -4.85 21.52 -2.51
N GLY A 153 -5.33 21.27 -1.30
CA GLY A 153 -4.48 20.76 -0.24
C GLY A 153 -3.98 19.34 -0.48
N ALA A 154 -4.59 18.62 -1.41
CA ALA A 154 -4.16 17.28 -1.76
C ALA A 154 -3.43 17.19 -3.09
N ILE A 155 -3.42 18.25 -3.90
CA ILE A 155 -2.91 18.19 -5.26
C ILE A 155 -1.50 18.77 -5.29
N ARG A 156 -0.55 18.00 -5.83
CA ARG A 156 0.81 18.51 -6.07
C ARG A 156 1.15 18.69 -7.55
N ASP A 157 0.41 18.04 -8.45
CA ASP A 157 0.68 18.07 -9.89
C ASP A 157 -0.63 18.49 -10.57
N TRP A 158 -0.81 19.79 -10.77
CA TRP A 158 -2.05 20.25 -11.38
C TRP A 158 -2.15 19.88 -12.85
N SER A 159 -1.01 19.57 -13.48
CA SER A 159 -1.05 19.21 -14.90
C SER A 159 -1.86 17.95 -15.17
N ARG A 160 -2.05 17.10 -14.17
CA ARG A 160 -2.78 15.85 -14.34
C ARG A 160 -4.17 15.91 -13.70
N VAL A 161 -4.73 17.11 -13.54
CA VAL A 161 -6.03 17.32 -12.93
C VAL A 161 -6.90 18.10 -13.92
N VAL A 162 -8.18 17.73 -13.99
CA VAL A 162 -9.23 18.48 -14.67
C VAL A 162 -10.32 18.68 -13.63
N LEU A 163 -10.92 19.86 -13.60
CA LEU A 163 -11.99 20.13 -12.64
C LEU A 163 -13.35 20.21 -13.33
N ALA A 164 -14.37 19.64 -12.72
CA ALA A 164 -15.73 19.73 -13.23
C ALA A 164 -16.66 20.31 -12.19
N PHE A 165 -17.57 21.17 -12.62
CA PHE A 165 -18.57 21.78 -11.74
C PHE A 165 -19.96 21.34 -12.16
N GLU A 166 -20.75 20.83 -11.20
CA GLU A 166 -22.16 20.49 -11.44
C GLU A 166 -23.06 21.29 -10.52
N ALA A 167 -24.08 21.90 -11.10
CA ALA A 167 -25.15 22.56 -10.36
C ALA A 167 -26.24 21.52 -10.21
N LEU A 168 -26.36 20.94 -9.00
CA LEU A 168 -27.29 19.83 -8.80
C LEU A 168 -28.74 20.26 -8.93
N TRP A 169 -29.04 21.54 -8.75
CA TRP A 169 -30.39 22.05 -8.97
C TRP A 169 -30.77 22.09 -10.45
N ALA A 170 -29.85 21.76 -11.33
CA ALA A 170 -30.08 21.76 -12.77
C ALA A 170 -30.09 20.35 -13.34
N SER A 171 -30.14 19.33 -12.48
CA SER A 171 -30.10 17.93 -12.87
C SER A 171 -31.47 17.32 -12.61
N ASN A 172 -32.23 17.11 -13.68
CA ASN A 172 -33.54 16.44 -13.60
C ASN A 172 -34.48 17.17 -12.66
N THR A 173 -34.47 18.50 -12.72
CA THR A 173 -35.34 19.32 -11.89
C THR A 173 -36.35 20.11 -12.69
N GLY A 174 -36.19 20.22 -14.00
CA GLY A 174 -36.99 21.12 -14.79
C GLY A 174 -36.35 22.47 -15.02
N VAL A 175 -35.16 22.70 -14.47
CA VAL A 175 -34.44 23.96 -14.63
C VAL A 175 -33.05 23.65 -15.15
N PHE A 176 -32.58 24.45 -16.09
CA PHE A 176 -31.19 24.42 -16.52
C PHE A 176 -30.52 25.69 -16.02
N ALA A 177 -29.19 25.63 -15.87
CA ALA A 177 -28.45 26.86 -15.58
C ALA A 177 -28.41 27.73 -16.83
N THR A 178 -28.45 29.05 -16.64
CA THR A 178 -28.27 29.95 -17.77
C THR A 178 -26.79 29.97 -18.18
N ASN A 179 -26.54 30.48 -19.39
CA ASN A 179 -25.15 30.65 -19.83
C ASN A 179 -24.39 31.54 -18.86
N GLN A 180 -25.04 32.60 -18.38
CA GLN A 180 -24.38 33.49 -17.42
C GLN A 180 -24.04 32.76 -16.15
N GLN A 181 -24.95 31.91 -15.66
CA GLN A 181 -24.66 31.17 -14.44
C GLN A 181 -23.49 30.22 -14.63
N VAL A 182 -23.41 29.56 -15.79
CA VAL A 182 -22.29 28.65 -16.06
C VAL A 182 -20.99 29.43 -16.13
N GLN A 183 -20.97 30.53 -16.89
CA GLN A 183 -19.75 31.33 -17.03
C GLN A 183 -19.30 31.90 -15.69
N GLU A 184 -20.23 32.38 -14.87
CA GLU A 184 -19.87 32.95 -13.58
C GLU A 184 -19.29 31.90 -12.64
N ALA A 185 -19.85 30.68 -12.65
CA ALA A 185 -19.32 29.64 -11.78
C ALA A 185 -17.89 29.27 -12.20
N LEU A 186 -17.67 29.08 -13.50
CA LEU A 186 -16.32 28.68 -13.93
C LEU A 186 -15.32 29.81 -13.77
N ALA A 187 -15.78 31.05 -13.96
CA ALA A 187 -14.90 32.19 -13.71
C ALA A 187 -14.53 32.28 -12.23
N LEU A 188 -15.48 31.98 -11.34
CA LEU A 188 -15.16 31.93 -9.91
C LEU A 188 -14.09 30.90 -9.63
N VAL A 189 -14.24 29.70 -10.19
CA VAL A 189 -13.28 28.62 -9.97
C VAL A 189 -11.90 29.03 -10.51
N ARG A 190 -11.84 29.60 -11.71
CA ARG A 190 -10.54 30.00 -12.23
C ARG A 190 -9.90 31.10 -11.38
N ASP A 191 -10.71 32.04 -10.89
CA ASP A 191 -10.14 33.10 -10.05
C ASP A 191 -9.66 32.53 -8.73
N TRP A 192 -10.31 31.49 -8.24
CA TRP A 192 -9.81 30.83 -7.04
C TRP A 192 -8.41 30.26 -7.28
N LEU A 193 -8.23 29.51 -8.36
CA LEU A 193 -6.92 28.97 -8.70
C LEU A 193 -5.88 30.08 -8.85
N ARG A 194 -6.26 31.16 -9.52
CA ARG A 194 -5.35 32.27 -9.73
C ARG A 194 -4.86 32.85 -8.40
N ASN A 195 -5.78 33.05 -7.45
CA ASN A 195 -5.45 33.71 -6.19
C ASN A 195 -4.88 32.78 -5.12
N ASN A 196 -5.20 31.49 -5.18
CA ASN A 196 -4.81 30.57 -4.11
C ASN A 196 -3.81 29.51 -4.55
N VAL A 197 -3.54 29.37 -5.83
CA VAL A 197 -2.54 28.41 -6.29
C VAL A 197 -1.50 29.20 -7.07
N SER A 198 -1.80 29.56 -8.32
CA SER A 198 -0.89 30.35 -9.14
C SER A 198 -1.59 30.76 -10.43
N GLU A 199 -1.05 31.82 -11.06
CA GLU A 199 -1.56 32.21 -12.36
C GLU A 199 -1.37 31.09 -13.38
N ARG A 200 -0.23 30.40 -13.33
CA ARG A 200 0.02 29.31 -14.28
C ARG A 200 -1.05 28.24 -14.17
N VAL A 201 -1.39 27.84 -12.95
CA VAL A 201 -2.39 26.79 -12.77
C VAL A 201 -3.77 27.27 -13.21
N ALA A 202 -4.13 28.50 -12.86
CA ALA A 202 -5.38 29.07 -13.38
C ALA A 202 -5.43 29.03 -14.92
N ASP A 203 -4.32 29.38 -15.57
CA ASP A 203 -4.34 29.49 -17.02
C ASP A 203 -4.27 28.16 -17.76
N THR A 204 -3.85 27.06 -17.09
CA THR A 204 -3.67 25.81 -17.79
C THR A 204 -4.63 24.71 -17.36
N THR A 205 -5.39 24.91 -16.29
CA THR A 205 -6.26 23.86 -15.76
C THR A 205 -7.58 23.88 -16.52
N ARG A 206 -7.97 22.73 -17.09
CA ARG A 206 -9.27 22.63 -17.76
C ARG A 206 -10.38 22.60 -16.73
N LEU A 207 -11.36 23.47 -16.93
CA LEU A 207 -12.59 23.53 -16.13
C LEU A 207 -13.76 23.06 -16.98
N LEU A 208 -14.49 22.07 -16.48
CA LEU A 208 -15.62 21.49 -17.21
C LEU A 208 -16.93 21.92 -16.58
N TYR A 209 -17.96 22.00 -17.41
CA TYR A 209 -19.33 22.09 -16.91
C TYR A 209 -19.95 20.71 -16.97
N ALA A 210 -20.42 20.23 -15.83
CA ALA A 210 -21.15 18.97 -15.74
C ALA A 210 -22.63 19.33 -15.73
N GLY A 211 -23.31 18.98 -16.80
CA GLY A 211 -24.72 19.29 -16.91
C GLY A 211 -25.32 18.58 -18.10
N SER A 212 -26.52 19.02 -18.46
CA SER A 212 -27.34 18.36 -19.49
C SER A 212 -27.02 18.93 -20.87
N VAL A 213 -25.82 18.62 -21.35
CA VAL A 213 -25.38 19.06 -22.67
C VAL A 213 -25.62 17.93 -23.66
N ASN A 214 -26.00 18.29 -24.88
CA ASN A 214 -26.36 17.32 -25.89
C ASN A 214 -26.13 17.96 -27.26
N SER A 215 -26.51 17.24 -28.32
CA SER A 215 -26.24 17.71 -29.68
C SER A 215 -26.80 19.11 -29.91
N GLY A 216 -27.95 19.42 -29.31
CA GLY A 216 -28.65 20.65 -29.62
C GLY A 216 -28.10 21.88 -28.96
N ASN A 217 -27.37 21.74 -27.86
CA ASN A 217 -26.87 22.90 -27.15
C ASN A 217 -25.36 22.92 -26.98
N CYS A 218 -24.62 21.94 -27.52
CA CYS A 218 -23.21 21.84 -27.15
C CYS A 218 -22.34 22.89 -27.84
N ARG A 219 -22.63 23.22 -29.10
CA ARG A 219 -21.80 24.20 -29.79
C ARG A 219 -21.92 25.58 -29.15
N GLU A 220 -23.14 25.96 -28.78
CA GLU A 220 -23.37 27.19 -28.02
C GLU A 220 -22.60 27.15 -26.70
N MET A 221 -22.70 26.03 -25.98
CA MET A 221 -22.10 25.99 -24.65
C MET A 221 -20.58 25.91 -24.74
N ALA A 222 -20.05 25.30 -25.80
CA ALA A 222 -18.60 25.17 -25.95
C ALA A 222 -17.92 26.52 -26.14
N ALA A 223 -18.68 27.54 -26.53
CA ALA A 223 -18.13 28.87 -26.73
C ALA A 223 -18.20 29.73 -25.47
N LEU A 224 -18.66 29.18 -24.36
CA LEU A 224 -18.79 29.98 -23.16
C LEU A 224 -17.41 30.32 -22.60
N LYS A 225 -17.30 31.53 -22.04
CA LYS A 225 -16.06 31.94 -21.42
C LYS A 225 -15.73 31.03 -20.23
N ASP A 226 -14.44 30.76 -20.06
CA ASP A 226 -13.87 29.97 -18.97
C ASP A 226 -14.26 28.50 -19.01
N LEU A 227 -15.00 28.07 -20.03
CA LEU A 227 -15.38 26.67 -20.19
C LEU A 227 -14.38 25.94 -21.08
N ASP A 228 -13.86 24.81 -20.60
CA ASP A 228 -12.89 24.03 -21.35
C ASP A 228 -13.43 22.68 -21.79
N GLY A 229 -14.71 22.42 -21.56
CA GLY A 229 -15.30 21.15 -21.97
C GLY A 229 -16.40 20.72 -21.03
N PHE A 230 -16.70 19.43 -21.08
CA PHE A 230 -17.93 18.93 -20.49
C PHE A 230 -17.72 17.61 -19.77
N LEU A 231 -18.46 17.44 -18.68
CA LEU A 231 -18.69 16.13 -18.06
C LEU A 231 -20.16 15.80 -18.29
N VAL A 232 -20.42 14.78 -19.08
CA VAL A 232 -21.78 14.51 -19.54
C VAL A 232 -22.22 13.14 -19.03
N GLY A 233 -23.49 13.06 -18.62
CA GLY A 233 -24.10 11.83 -18.17
C GLY A 233 -24.86 11.18 -19.32
N SER A 234 -26.12 11.55 -19.51
CA SER A 234 -26.96 10.78 -20.41
C SER A 234 -26.49 10.87 -21.86
N ALA A 235 -25.93 12.01 -22.29
CA ALA A 235 -25.47 12.09 -23.68
C ALA A 235 -24.35 11.11 -23.97
N ALA A 236 -23.60 10.67 -22.95
CA ALA A 236 -22.53 9.69 -23.15
C ALA A 236 -23.04 8.38 -23.73
N LEU A 237 -24.32 8.08 -23.56
CA LEU A 237 -24.89 6.81 -23.99
C LEU A 237 -25.45 6.88 -25.39
N LYS A 238 -25.33 8.02 -26.06
CA LYS A 238 -26.04 8.32 -27.28
C LYS A 238 -25.10 8.89 -28.32
N PRO A 239 -25.52 8.96 -29.58
CA PRO A 239 -24.68 9.62 -30.60
C PRO A 239 -24.31 11.04 -30.24
N ASP A 240 -25.05 11.69 -29.34
CA ASP A 240 -24.74 13.05 -28.92
C ASP A 240 -23.28 13.21 -28.52
N ILE A 241 -22.68 12.16 -27.96
CA ILE A 241 -21.32 12.30 -27.46
C ILE A 241 -20.36 12.66 -28.59
N VAL A 242 -20.63 12.18 -29.81
CA VAL A 242 -19.78 12.55 -30.95
C VAL A 242 -19.89 14.03 -31.24
N ASP A 243 -21.12 14.56 -31.23
CA ASP A 243 -21.32 15.98 -31.52
C ASP A 243 -20.67 16.85 -30.45
N ILE A 244 -20.70 16.39 -29.20
CA ILE A 244 -20.11 17.15 -28.10
C ILE A 244 -18.59 17.19 -28.23
N ILE A 245 -17.97 16.04 -28.50
CA ILE A 245 -16.55 15.98 -28.81
C ILE A 245 -16.21 16.94 -29.94
N ASN A 246 -17.11 17.05 -30.92
CA ASN A 246 -16.92 17.87 -32.11
C ASN A 246 -17.49 19.27 -31.96
N ALA A 247 -17.79 19.70 -30.73
CA ALA A 247 -18.53 20.96 -30.54
C ALA A 247 -17.73 22.19 -30.96
N ARG A 248 -16.41 22.10 -31.04
CA ARG A 248 -15.60 23.23 -31.49
C ARG A 248 -15.06 23.01 -32.91
N ARG B 5 28.59 25.30 -12.41
CA ARG B 5 27.83 24.27 -11.69
C ARG B 5 26.94 23.50 -12.65
N LYS B 6 27.20 22.19 -12.79
CA LYS B 6 26.45 21.38 -13.74
C LYS B 6 25.06 21.04 -13.18
N PHE B 7 24.03 21.34 -13.97
CA PHE B 7 22.64 21.06 -13.62
C PHE B 7 22.48 19.61 -13.18
N PHE B 8 21.81 19.39 -12.06
CA PHE B 8 21.76 18.09 -11.38
C PHE B 8 20.32 17.73 -11.04
N VAL B 9 19.89 16.54 -11.45
CA VAL B 9 18.51 16.10 -11.17
C VAL B 9 18.58 14.70 -10.60
N ILE B 10 18.02 14.52 -9.41
CA ILE B 10 17.88 13.20 -8.82
C ILE B 10 16.41 12.89 -8.64
N GLY B 11 15.98 11.75 -9.17
CA GLY B 11 14.61 11.30 -9.04
C GLY B 11 14.54 10.20 -8.01
N ASN B 12 13.89 10.46 -6.89
CA ASN B 12 13.88 9.53 -5.75
C ASN B 12 12.64 8.65 -5.83
N TRP B 13 12.84 7.34 -6.03
CA TRP B 13 11.72 6.42 -6.10
C TRP B 13 11.13 6.07 -4.73
N LYS B 14 11.81 6.47 -3.65
CA LYS B 14 11.38 6.19 -2.29
C LYS B 14 11.00 4.72 -2.15
N MET B 15 9.87 4.42 -1.53
CA MET B 15 9.42 3.04 -1.40
C MET B 15 8.23 2.77 -2.32
N ASN B 16 8.28 3.29 -3.54
CA ASN B 16 7.11 3.33 -4.42
C ASN B 16 7.23 2.43 -5.65
N VAL B 17 8.29 1.63 -5.74
CA VAL B 17 8.55 0.83 -6.94
C VAL B 17 8.71 -0.63 -6.56
N ASP B 18 8.41 -1.51 -7.52
CA ASP B 18 8.92 -2.88 -7.53
C ASP B 18 9.76 -3.06 -8.79
N LYS B 19 10.24 -4.28 -9.03
CA LYS B 19 11.10 -4.54 -10.18
C LYS B 19 10.40 -4.14 -11.48
N ASN B 20 9.11 -4.43 -11.57
CA ASN B 20 8.35 -4.10 -12.78
C ASN B 20 8.33 -2.59 -13.01
N ARG B 21 8.03 -1.81 -11.96
CA ARG B 21 7.96 -0.36 -12.14
C ARG B 21 9.33 0.20 -12.50
N ILE B 22 10.40 -0.37 -11.92
CA ILE B 22 11.75 0.08 -12.25
C ILE B 22 12.05 -0.18 -13.71
N ASN B 23 11.68 -1.36 -14.22
CA ASN B 23 12.00 -1.71 -15.59
C ASN B 23 11.35 -0.75 -16.57
N GLY B 24 10.14 -0.28 -16.28
CA GLY B 24 9.51 0.70 -17.14
C GLY B 24 10.14 2.08 -17.01
N ILE B 25 10.43 2.50 -15.78
CA ILE B 25 11.09 3.80 -15.59
C ILE B 25 12.44 3.80 -16.27
N VAL B 26 13.18 2.70 -16.13
CA VAL B 26 14.56 2.61 -16.62
C VAL B 26 14.58 2.58 -18.15
N LYS B 27 13.67 1.82 -18.77
CA LYS B 27 13.60 1.82 -20.24
C LYS B 27 13.23 3.21 -20.76
N MET B 28 12.27 3.87 -20.11
CA MET B 28 11.92 5.24 -20.50
C MET B 28 13.13 6.17 -20.41
N MET B 29 13.79 6.20 -19.24
CA MET B 29 14.97 7.05 -19.11
C MET B 29 16.07 6.64 -20.07
N ASN B 30 16.20 5.34 -20.34
CA ASN B 30 17.24 4.86 -21.26
C ASN B 30 16.96 5.30 -22.70
N LYS B 31 15.69 5.32 -23.10
CA LYS B 31 15.36 5.63 -24.49
C LYS B 31 15.22 7.12 -24.74
N ALA B 32 15.10 7.93 -23.69
CA ALA B 32 14.82 9.35 -23.85
C ALA B 32 16.03 10.09 -24.41
N ALA B 33 15.75 11.24 -25.03
CA ALA B 33 16.79 12.19 -25.41
C ALA B 33 17.06 13.08 -24.21
N LEU B 34 18.08 12.73 -23.43
CA LEU B 34 18.41 13.47 -22.23
C LEU B 34 19.50 14.50 -22.52
N ASP B 35 19.32 15.69 -21.95
CA ASP B 35 20.31 16.75 -22.08
C ASP B 35 21.65 16.28 -21.54
N PRO B 36 22.68 16.16 -22.38
CA PRO B 36 23.99 15.72 -21.87
C PRO B 36 24.62 16.68 -20.89
N ASN B 37 24.11 17.91 -20.77
CA ASN B 37 24.60 18.87 -19.79
C ASN B 37 23.95 18.69 -18.43
N THR B 38 23.11 17.69 -18.25
CA THR B 38 22.48 17.42 -16.97
C THR B 38 23.10 16.18 -16.37
N GLU B 39 23.48 16.24 -15.10
CA GLU B 39 23.89 15.07 -14.34
C GLU B 39 22.64 14.49 -13.70
N ALA B 40 22.24 13.29 -14.13
CA ALA B 40 21.02 12.65 -13.67
C ALA B 40 21.32 11.45 -12.80
N VAL B 41 20.55 11.29 -11.73
CA VAL B 41 20.68 10.17 -10.78
C VAL B 41 19.28 9.76 -10.38
N VAL B 42 19.11 8.49 -10.01
CA VAL B 42 17.86 8.00 -9.45
C VAL B 42 18.12 7.45 -8.07
N GLY B 43 17.15 7.63 -7.17
CA GLY B 43 17.24 7.14 -5.81
C GLY B 43 16.46 5.85 -5.68
N CYS B 44 17.17 4.79 -5.31
CA CYS B 44 16.68 3.44 -5.52
C CYS B 44 16.60 2.71 -4.20
N PRO B 45 15.52 1.94 -3.97
CA PRO B 45 15.46 1.11 -2.74
C PRO B 45 16.62 0.14 -2.65
N SER B 46 17.05 -0.13 -1.41
CA SER B 46 18.25 -0.92 -1.21
C SER B 46 18.19 -2.27 -1.92
N CYS B 47 17.02 -2.93 -1.87
CA CYS B 47 16.94 -4.27 -2.42
C CYS B 47 16.98 -4.29 -3.94
N TYR B 48 16.93 -3.14 -4.59
CA TYR B 48 16.95 -3.08 -6.05
C TYR B 48 18.18 -2.37 -6.61
N LEU B 49 19.17 -2.02 -5.77
CA LEU B 49 20.34 -1.27 -6.22
C LEU B 49 20.99 -1.93 -7.44
N SER B 50 21.36 -3.20 -7.29
CA SER B 50 22.08 -3.89 -8.36
C SER B 50 21.22 -3.96 -9.62
N HIS B 51 19.94 -4.28 -9.44
CA HIS B 51 19.02 -4.38 -10.58
C HIS B 51 18.97 -3.07 -11.34
N ALA B 52 18.77 -1.95 -10.63
CA ALA B 52 18.71 -0.65 -11.29
C ALA B 52 20.04 -0.33 -11.99
N ARG B 53 21.16 -0.51 -11.28
CA ARG B 53 22.45 -0.15 -11.86
C ARG B 53 22.75 -1.00 -13.09
N GLU B 54 22.34 -2.26 -13.08
CA GLU B 54 22.61 -3.15 -14.21
C GLU B 54 21.73 -2.88 -15.41
N HIS B 55 20.58 -2.23 -15.23
CA HIS B 55 19.69 -1.93 -16.34
C HIS B 55 19.72 -0.48 -16.77
N LEU B 56 20.43 0.38 -16.05
CA LEU B 56 20.42 1.81 -16.35
C LEU B 56 21.62 2.20 -17.17
N SER B 57 21.39 3.12 -18.11
CA SER B 57 22.48 3.72 -18.86
C SER B 57 23.59 4.18 -17.92
N PRO B 58 24.86 3.93 -18.25
CA PRO B 58 25.96 4.46 -17.44
C PRO B 58 25.92 5.97 -17.25
N SER B 59 25.22 6.70 -18.12
CA SER B 59 25.12 8.14 -17.98
C SER B 59 24.26 8.57 -16.80
N ILE B 60 23.50 7.65 -16.22
CA ILE B 60 22.59 7.92 -15.12
C ILE B 60 23.12 7.22 -13.88
N GLY B 61 23.31 7.97 -12.80
CA GLY B 61 23.81 7.39 -11.58
C GLY B 61 22.70 6.74 -10.78
N VAL B 62 23.11 5.93 -9.80
CA VAL B 62 22.16 5.25 -8.91
C VAL B 62 22.56 5.55 -7.47
N ALA B 63 21.62 6.07 -6.70
CA ALA B 63 21.84 6.40 -5.30
C ALA B 63 21.07 5.45 -4.41
N ALA B 64 21.73 4.94 -3.38
CA ALA B 64 20.98 4.38 -2.25
C ALA B 64 20.28 5.53 -1.50
N GLN B 65 19.22 5.18 -0.78
CA GLN B 65 18.40 6.19 -0.13
C GLN B 65 18.80 6.44 1.32
N ASN B 66 19.78 5.70 1.82
CA ASN B 66 20.25 5.75 3.19
C ASN B 66 21.39 4.74 3.30
N CYS B 67 22.20 4.90 4.35
CA CYS B 67 23.17 3.88 4.75
C CYS B 67 23.55 4.13 6.19
N TYR B 68 24.38 3.24 6.73
CA TYR B 68 24.83 3.34 8.12
C TYR B 68 26.20 4.00 8.14
N LYS B 69 26.84 4.03 9.32
CA LYS B 69 27.98 4.91 9.58
C LYS B 69 29.31 4.18 9.71
N VAL B 70 29.35 2.85 9.52
CA VAL B 70 30.59 2.10 9.49
C VAL B 70 30.50 1.09 8.35
N ALA B 71 31.64 0.44 8.05
CA ALA B 71 31.72 -0.41 6.87
C ALA B 71 31.04 -1.76 7.05
N ARG B 72 31.06 -2.29 8.27
CA ARG B 72 30.57 -3.62 8.54
C ARG B 72 30.32 -3.70 10.03
N GLY B 73 29.57 -4.72 10.43
CA GLY B 73 29.37 -4.95 11.84
C GLY B 73 28.02 -5.59 12.11
N ASN B 74 27.75 -5.74 13.40
CA ASN B 74 26.53 -6.42 13.86
C ASN B 74 25.38 -5.41 13.91
N PHE B 75 24.90 -5.03 12.72
CA PHE B 75 23.85 -4.02 12.57
C PHE B 75 22.77 -4.56 11.62
N SER B 76 21.94 -5.48 12.13
CA SER B 76 20.88 -6.04 11.32
C SER B 76 19.98 -4.95 10.75
N GLY B 77 19.69 -5.07 9.45
CA GLY B 77 18.82 -4.17 8.73
C GLY B 77 19.51 -2.95 8.16
N GLU B 78 20.83 -2.83 8.34
CA GLU B 78 21.58 -1.69 7.85
C GLU B 78 22.54 -2.11 6.75
N ILE B 79 22.88 -1.17 5.86
CA ILE B 79 23.86 -1.40 4.81
C ILE B 79 24.86 -0.26 4.87
N SER B 80 26.06 -0.53 4.37
CA SER B 80 27.15 0.41 4.42
C SER B 80 27.47 0.98 3.03
N PRO B 81 28.14 2.12 2.98
CA PRO B 81 28.60 2.63 1.68
C PRO B 81 29.43 1.62 0.92
N GLU B 82 30.22 0.83 1.64
CA GLU B 82 31.02 -0.20 0.99
C GLU B 82 30.12 -1.21 0.29
N MET B 83 29.01 -1.60 0.94
CA MET B 83 28.08 -2.52 0.29
C MET B 83 27.37 -1.87 -0.89
N ILE B 84 27.04 -0.59 -0.79
CA ILE B 84 26.41 0.09 -1.91
C ILE B 84 27.36 0.10 -3.10
N LYS B 85 28.63 0.44 -2.86
CA LYS B 85 29.63 0.42 -3.93
C LYS B 85 29.79 -0.98 -4.53
N ASP B 86 29.67 -2.00 -3.67
CA ASP B 86 29.74 -3.39 -4.10
C ASP B 86 28.61 -3.74 -5.05
N CYS B 87 27.48 -3.02 -4.95
CA CYS B 87 26.39 -3.17 -5.89
C CYS B 87 26.57 -2.34 -7.15
N GLY B 88 27.70 -1.63 -7.26
CA GLY B 88 27.99 -0.84 -8.44
C GLY B 88 27.54 0.60 -8.39
N CYS B 89 26.97 1.05 -7.26
CA CYS B 89 26.36 2.37 -7.18
C CYS B 89 27.29 3.36 -6.50
N ASP B 90 27.33 4.59 -7.02
CA ASP B 90 28.28 5.61 -6.59
C ASP B 90 27.71 6.60 -5.58
N TRP B 91 26.39 6.69 -5.45
CA TRP B 91 25.74 7.77 -4.73
C TRP B 91 24.97 7.25 -3.53
N VAL B 92 24.77 8.13 -2.54
CA VAL B 92 23.86 7.84 -1.43
C VAL B 92 23.19 9.14 -1.01
N ILE B 93 21.90 9.06 -0.74
CA ILE B 93 21.15 10.17 -0.17
C ILE B 93 21.25 10.06 1.35
N LEU B 94 21.64 11.15 1.99
CA LEU B 94 21.82 11.14 3.43
C LEU B 94 21.05 12.29 4.05
N GLY B 95 20.40 12.03 5.19
CA GLY B 95 19.66 13.11 5.84
C GLY B 95 18.35 13.45 5.17
N HIS B 96 17.79 12.53 4.40
CA HIS B 96 16.54 12.82 3.73
C HIS B 96 15.49 13.26 4.74
N PRO B 97 14.64 14.24 4.40
CA PRO B 97 13.65 14.71 5.37
C PRO B 97 12.76 13.61 5.92
N GLU B 98 12.48 12.55 5.15
CA GLU B 98 11.74 11.42 5.70
C GLU B 98 12.54 10.71 6.78
N ARG B 99 13.86 10.62 6.64
CA ARG B 99 14.67 10.03 7.72
C ARG B 99 14.75 10.96 8.91
N ARG B 100 14.80 12.28 8.65
CA ARG B 100 14.94 13.23 9.76
C ARG B 100 13.69 13.30 10.60
N THR B 101 12.51 13.08 9.99
CA THR B 101 11.25 13.27 10.69
C THR B 101 10.63 11.93 11.11
N ILE B 102 10.28 11.09 10.15
CA ILE B 102 9.64 9.82 10.46
C ILE B 102 10.55 8.93 11.30
N PHE B 103 11.85 8.92 11.00
CA PHE B 103 12.78 8.06 11.70
C PHE B 103 13.65 8.83 12.70
N SER B 104 13.39 10.11 12.88
CA SER B 104 13.98 10.88 13.97
C SER B 104 15.51 10.82 13.95
N GLU B 105 16.11 10.73 12.77
CA GLU B 105 17.57 10.71 12.71
C GLU B 105 18.15 12.07 13.10
N PRO B 106 18.99 12.15 14.13
CA PRO B 106 19.55 13.45 14.54
C PRO B 106 20.73 13.86 13.67
N ASP B 107 21.03 15.17 13.75
CA ASP B 107 22.11 15.73 12.94
C ASP B 107 23.43 15.02 13.20
N SER B 108 23.69 14.64 14.46
CA SER B 108 24.96 14.00 14.78
C SER B 108 25.07 12.64 14.11
N PHE B 109 23.96 11.91 14.06
CA PHE B 109 23.90 10.63 13.37
C PHE B 109 24.14 10.82 11.88
N ILE B 110 23.44 11.79 11.29
CA ILE B 110 23.60 12.04 9.86
C ILE B 110 25.05 12.43 9.56
N ALA B 111 25.67 13.24 10.43
CA ALA B 111 27.07 13.60 10.23
C ALA B 111 28.00 12.38 10.27
N GLU B 112 27.75 11.44 11.20
CA GLU B 112 28.58 10.23 11.22
C GLU B 112 28.46 9.47 9.90
N LYS B 113 27.24 9.40 9.35
CA LYS B 113 27.05 8.74 8.06
C LYS B 113 27.77 9.49 6.95
N VAL B 114 27.63 10.81 6.91
CA VAL B 114 28.27 11.57 5.85
C VAL B 114 29.79 11.42 5.92
N ALA B 115 30.37 11.51 7.11
CA ALA B 115 31.82 11.41 7.24
C ALA B 115 32.31 10.05 6.78
N HIS B 116 31.58 8.99 7.14
CA HIS B 116 32.03 7.67 6.72
C HIS B 116 31.83 7.47 5.23
N ALA B 117 30.72 7.99 4.68
CA ALA B 117 30.51 7.88 3.24
C ALA B 117 31.59 8.61 2.48
N GLN B 118 32.03 9.76 3.00
CA GLN B 118 33.17 10.46 2.42
C GLN B 118 34.42 9.59 2.44
N GLU B 119 34.71 8.99 3.59
CA GLU B 119 35.86 8.10 3.71
C GLU B 119 35.78 6.96 2.69
N ALA B 120 34.57 6.44 2.48
CA ALA B 120 34.38 5.33 1.54
C ALA B 120 34.43 5.74 0.09
N GLY B 121 34.55 7.03 -0.21
CA GLY B 121 34.57 7.45 -1.60
C GLY B 121 33.21 7.57 -2.26
N MET B 122 32.14 7.67 -1.49
CA MET B 122 30.81 7.87 -2.07
C MET B 122 30.64 9.28 -2.58
N LYS B 123 29.70 9.44 -3.51
CA LYS B 123 29.12 10.73 -3.79
C LYS B 123 27.81 10.83 -3.00
N ILE B 124 27.51 12.02 -2.48
CA ILE B 124 26.47 12.18 -1.48
C ILE B 124 25.51 13.27 -1.93
N ILE B 125 24.22 12.97 -1.86
CA ILE B 125 23.16 13.97 -1.91
C ILE B 125 22.76 14.18 -0.44
N ALA B 126 23.22 15.26 0.17
CA ALA B 126 22.91 15.54 1.56
C ALA B 126 21.77 16.54 1.65
N CYS B 127 20.77 16.22 2.44
CA CYS B 127 19.52 16.96 2.44
C CYS B 127 19.39 17.82 3.70
N LEU B 128 18.75 18.97 3.51
CA LEU B 128 18.33 19.91 4.54
C LEU B 128 16.82 20.04 4.50
N CYS B 129 16.22 20.42 5.63
CA CYS B 129 14.78 20.62 5.54
C CYS B 129 14.31 21.53 6.66
N GLU B 130 13.22 22.21 6.40
CA GLU B 130 12.56 23.10 7.35
C GLU B 130 11.14 22.58 7.51
N THR B 131 10.77 22.23 8.75
CA THR B 131 9.47 21.64 8.99
C THR B 131 8.43 22.75 9.17
N THR B 132 7.16 22.34 9.32
CA THR B 132 6.08 23.31 9.50
C THR B 132 6.33 24.17 10.73
N GLU B 133 6.62 23.52 11.86
CA GLU B 133 7.01 24.21 13.08
C GLU B 133 8.26 25.08 12.90
N ASP B 134 8.99 24.93 11.80
CA ASP B 134 10.18 25.75 11.56
C ASP B 134 9.88 27.02 10.78
N ARG B 135 9.07 26.94 9.72
CA ARG B 135 8.70 28.16 8.99
C ARG B 135 7.93 29.11 9.89
N LYS B 136 6.90 28.58 10.56
CA LYS B 136 6.37 29.28 11.72
C LYS B 136 7.43 29.20 12.83
N GLU B 137 7.38 30.17 13.76
CA GLU B 137 8.47 30.50 14.68
C GLU B 137 9.54 31.29 13.91
N GLY B 138 9.70 31.00 12.63
CA GLY B 138 10.66 31.72 11.80
C GLY B 138 12.09 31.26 11.95
N ARG B 139 12.31 29.99 12.32
CA ARG B 139 13.65 29.48 12.60
C ARG B 139 14.41 29.07 11.34
N THR B 140 13.93 29.52 10.16
CA THR B 140 14.54 29.18 8.88
C THR B 140 16.07 29.19 8.92
N LYS B 141 16.67 30.30 9.36
CA LYS B 141 18.13 30.37 9.42
C LYS B 141 18.70 29.37 10.43
N GLU B 142 18.12 29.34 11.62
CA GLU B 142 18.81 28.73 12.76
C GLU B 142 18.86 27.21 12.68
N VAL B 143 17.74 26.56 12.34
CA VAL B 143 17.73 25.10 12.24
C VAL B 143 18.49 24.64 11.00
N LEU B 144 18.37 25.40 9.91
CA LEU B 144 19.09 25.09 8.68
C LEU B 144 20.60 25.21 8.88
N PHE B 145 21.02 26.23 9.63
CA PHE B 145 22.45 26.41 9.90
C PHE B 145 22.98 25.32 10.80
N LYS B 146 22.14 24.82 11.72
CA LYS B 146 22.51 23.66 12.51
C LYS B 146 22.75 22.45 11.60
N GLN B 147 21.80 22.19 10.68
CA GLN B 147 21.94 21.06 9.77
C GLN B 147 23.16 21.24 8.87
N LEU B 148 23.35 22.45 8.35
CA LEU B 148 24.44 22.74 7.44
C LEU B 148 25.79 22.64 8.13
N LYS B 149 25.93 23.27 9.31
CA LYS B 149 27.16 23.16 10.08
C LYS B 149 27.51 21.70 10.37
N SER B 150 26.49 20.89 10.65
CA SER B 150 26.75 19.48 10.93
CA SER B 150 26.72 19.48 10.92
C SER B 150 27.24 18.76 9.67
N LEU B 151 26.61 19.02 8.52
CA LEU B 151 27.08 18.41 7.28
C LEU B 151 28.51 18.85 6.96
N ALA B 152 28.75 20.16 7.03
CA ALA B 152 30.05 20.73 6.67
C ALA B 152 31.17 20.14 7.54
N GLY B 153 30.90 19.91 8.82
CA GLY B 153 31.90 19.30 9.67
C GLY B 153 32.30 17.90 9.25
N ALA B 154 31.42 17.21 8.51
CA ALA B 154 31.64 15.84 8.08
C ALA B 154 32.10 15.73 6.65
N ILE B 155 32.45 16.85 6.01
CA ILE B 155 32.79 16.86 4.60
C ILE B 155 34.17 17.47 4.45
N ARG B 156 35.09 16.71 3.88
CA ARG B 156 36.39 17.24 3.48
C ARG B 156 36.56 17.32 1.97
N ASP B 157 35.68 16.71 1.19
CA ASP B 157 35.77 16.66 -0.27
C ASP B 157 34.43 17.12 -0.85
N TRP B 158 34.27 18.43 -1.04
CA TRP B 158 32.99 18.95 -1.49
C TRP B 158 32.70 18.61 -2.94
N SER B 159 33.72 18.23 -3.72
CA SER B 159 33.49 17.88 -5.12
C SER B 159 32.54 16.69 -5.25
N ARG B 160 32.43 15.88 -4.20
CA ARG B 160 31.59 14.69 -4.20
C ARG B 160 30.30 14.89 -3.39
N VAL B 161 29.82 16.14 -3.27
CA VAL B 161 28.64 16.42 -2.47
C VAL B 161 27.70 17.31 -3.29
N VAL B 162 26.40 17.03 -3.19
CA VAL B 162 25.35 17.91 -3.66
C VAL B 162 24.42 18.14 -2.48
N LEU B 163 23.91 19.36 -2.33
CA LEU B 163 22.99 19.66 -1.25
C LEU B 163 21.58 19.83 -1.81
N ALA B 164 20.59 19.33 -1.06
CA ALA B 164 19.19 19.48 -1.43
C ALA B 164 18.44 20.08 -0.26
N PHE B 165 17.56 21.03 -0.55
CA PHE B 165 16.75 21.68 0.48
C PHE B 165 15.28 21.41 0.22
N GLU B 166 14.59 20.88 1.22
CA GLU B 166 13.14 20.70 1.14
C GLU B 166 12.43 21.61 2.13
N ALA B 167 11.43 22.35 1.63
CA ALA B 167 10.50 23.08 2.49
C ALA B 167 9.38 22.12 2.84
N LEU B 168 9.59 21.34 3.89
CA LEU B 168 8.60 20.33 4.27
C LEU B 168 7.28 20.97 4.67
N TRP B 169 7.31 22.20 5.19
CA TRP B 169 6.07 22.91 5.50
C TRP B 169 5.20 23.07 4.26
N ALA B 170 5.80 23.07 3.08
CA ALA B 170 5.00 23.18 1.87
C ALA B 170 4.20 21.91 1.63
N SER B 171 4.89 20.78 1.42
CA SER B 171 4.20 19.53 1.10
C SER B 171 3.28 19.09 2.23
N ASN B 172 3.69 19.32 3.48
CA ASN B 172 2.93 18.79 4.60
C ASN B 172 1.67 19.60 4.89
N THR B 173 1.63 20.88 4.51
CA THR B 173 0.43 21.69 4.65
C THR B 173 -0.32 21.85 3.33
N GLY B 174 0.15 21.21 2.26
CA GLY B 174 -0.56 21.23 1.00
C GLY B 174 -0.48 22.54 0.22
N VAL B 175 0.65 23.24 0.30
CA VAL B 175 0.87 24.47 -0.46
C VAL B 175 2.21 24.36 -1.17
N PHE B 176 2.46 25.32 -2.07
CA PHE B 176 3.73 25.41 -2.77
C PHE B 176 4.51 26.63 -2.29
N ALA B 177 5.82 26.43 -2.08
CA ALA B 177 6.69 27.56 -1.80
C ALA B 177 6.79 28.46 -3.02
N THR B 178 6.82 29.77 -2.78
CA THR B 178 6.97 30.71 -3.88
C THR B 178 8.37 30.62 -4.47
N ASN B 179 8.51 31.16 -5.69
CA ASN B 179 9.82 31.22 -6.32
C ASN B 179 10.78 32.12 -5.53
N GLN B 180 10.24 33.15 -4.87
CA GLN B 180 11.09 33.98 -4.00
C GLN B 180 11.49 33.24 -2.75
N GLN B 181 10.61 32.39 -2.21
CA GLN B 181 10.98 31.60 -1.03
C GLN B 181 12.04 30.57 -1.37
N VAL B 182 11.97 29.98 -2.57
CA VAL B 182 12.97 29.01 -2.98
C VAL B 182 14.32 29.69 -3.16
N GLN B 183 14.35 30.81 -3.89
CA GLN B 183 15.61 31.51 -4.14
C GLN B 183 16.21 32.04 -2.84
N GLU B 184 15.37 32.56 -1.94
CA GLU B 184 15.86 33.03 -0.65
C GLU B 184 16.55 31.92 0.13
N ALA B 185 15.94 30.73 0.15
CA ALA B 185 16.50 29.64 0.94
C ALA B 185 17.81 29.13 0.34
N LEU B 186 17.87 29.00 -0.98
CA LEU B 186 19.10 28.51 -1.60
C LEU B 186 20.22 29.56 -1.54
N ALA B 187 19.87 30.85 -1.63
CA ALA B 187 20.85 31.90 -1.45
C ALA B 187 21.37 31.91 -0.02
N LEU B 188 20.49 31.63 0.93
CA LEU B 188 20.87 31.51 2.33
C LEU B 188 21.88 30.39 2.53
N VAL B 189 21.64 29.22 1.93
CA VAL B 189 22.55 28.09 2.07
C VAL B 189 23.91 28.42 1.43
N ARG B 190 23.89 29.02 0.24
CA ARG B 190 25.15 29.28 -0.44
C ARG B 190 25.96 30.34 0.29
N ASP B 191 25.28 31.34 0.86
CA ASP B 191 25.99 32.37 1.62
C ASP B 191 26.61 31.77 2.88
N TRP B 192 25.93 30.80 3.51
CA TRP B 192 26.53 30.12 4.64
C TRP B 192 27.81 29.42 4.22
N LEU B 193 27.79 28.74 3.08
CA LEU B 193 29.02 28.09 2.61
C LEU B 193 30.13 29.11 2.37
N ARG B 194 29.78 30.23 1.74
CA ARG B 194 30.75 31.29 1.45
C ARG B 194 31.45 31.76 2.72
N ASN B 195 30.69 31.98 3.79
CA ASN B 195 31.23 32.58 5.02
C ASN B 195 31.86 31.56 5.96
N ASN B 196 31.43 30.29 5.89
CA ASN B 196 31.84 29.31 6.89
C ASN B 196 32.72 28.20 6.34
N VAL B 197 32.77 28.00 5.03
CA VAL B 197 33.68 27.04 4.43
C VAL B 197 34.66 27.78 3.53
N SER B 198 34.23 28.16 2.33
CA SER B 198 35.10 28.90 1.42
C SER B 198 34.30 29.45 0.26
N GLU B 199 34.82 30.52 -0.35
CA GLU B 199 34.21 31.04 -1.56
C GLU B 199 34.17 29.98 -2.64
N ARG B 200 35.25 29.19 -2.78
CA ARG B 200 35.27 28.20 -3.84
C ARG B 200 34.22 27.12 -3.60
N VAL B 201 33.96 26.76 -2.35
CA VAL B 201 32.94 25.75 -2.07
C VAL B 201 31.54 26.31 -2.33
N ALA B 202 31.27 27.55 -1.89
CA ALA B 202 29.98 28.16 -2.19
C ALA B 202 29.76 28.27 -3.70
N ASP B 203 30.84 28.54 -4.46
CA ASP B 203 30.70 28.80 -5.88
C ASP B 203 30.56 27.52 -6.70
N THR B 204 31.03 26.36 -6.22
CA THR B 204 31.02 25.14 -7.01
C THR B 204 30.01 24.08 -6.54
N THR B 205 29.39 24.26 -5.38
CA THR B 205 28.50 23.23 -4.85
C THR B 205 27.10 23.38 -5.42
N ARG B 206 26.56 22.28 -5.94
CA ARG B 206 25.20 22.27 -6.47
C ARG B 206 24.20 22.28 -5.33
N LEU B 207 23.25 23.22 -5.38
CA LEU B 207 22.16 23.30 -4.43
C LEU B 207 20.87 22.96 -5.15
N LEU B 208 20.17 21.94 -4.67
CA LEU B 208 18.91 21.53 -5.29
C LEU B 208 17.72 22.00 -4.47
N TYR B 209 16.60 22.22 -5.17
CA TYR B 209 15.30 22.33 -4.53
C TYR B 209 14.62 20.97 -4.52
N ALA B 210 14.22 20.51 -3.35
CA ALA B 210 13.46 19.28 -3.20
C ALA B 210 12.02 19.68 -2.96
N GLY B 211 11.17 19.40 -3.94
CA GLY B 211 9.78 19.80 -3.83
C GLY B 211 8.99 19.26 -5.00
N SER B 212 7.73 19.67 -5.07
CA SER B 212 6.83 19.20 -6.12
C SER B 212 7.15 19.92 -7.42
N VAL B 213 8.08 19.34 -8.18
CA VAL B 213 8.45 19.82 -9.50
C VAL B 213 7.92 18.84 -10.52
N ASN B 214 7.37 19.36 -11.62
CA ASN B 214 6.80 18.53 -12.67
C ASN B 214 7.00 19.24 -14.00
N SER B 215 6.49 18.62 -15.07
CA SER B 215 6.70 19.15 -16.42
C SER B 215 6.15 20.57 -16.56
N GLY B 216 5.14 20.93 -15.78
CA GLY B 216 4.51 22.23 -15.92
C GLY B 216 5.30 23.40 -15.34
N ASN B 217 6.10 23.16 -14.29
CA ASN B 217 6.83 24.26 -13.69
C ASN B 217 8.34 24.08 -13.74
N CYS B 218 8.86 23.01 -14.34
CA CYS B 218 10.28 22.72 -14.18
C CYS B 218 11.15 23.72 -14.95
N ARG B 219 10.71 24.19 -16.11
CA ARG B 219 11.50 25.19 -16.83
C ARG B 219 11.53 26.51 -16.08
N GLU B 220 10.39 26.92 -15.50
CA GLU B 220 10.35 28.13 -14.70
C GLU B 220 11.28 28.02 -13.51
N MET B 221 11.20 26.92 -12.77
CA MET B 221 11.99 26.80 -11.54
C MET B 221 13.47 26.58 -11.84
N ALA B 222 13.79 26.02 -13.00
CA ALA B 222 15.19 25.76 -13.35
C ALA B 222 15.96 27.03 -13.63
N ALA B 223 15.28 28.14 -13.87
CA ALA B 223 15.92 29.43 -14.10
C ALA B 223 16.08 30.26 -12.83
N LEU B 224 15.70 29.72 -11.67
CA LEU B 224 15.76 30.50 -10.45
C LEU B 224 17.21 30.70 -10.01
N LYS B 225 17.46 31.85 -9.38
CA LYS B 225 18.80 32.16 -8.89
C LYS B 225 19.21 31.17 -7.81
N ASP B 226 20.50 30.79 -7.82
CA ASP B 226 21.13 29.93 -6.82
C ASP B 226 20.61 28.50 -6.86
N LEU B 227 19.79 28.16 -7.85
CA LEU B 227 19.25 26.82 -8.00
C LEU B 227 20.08 26.07 -9.02
N ASP B 228 20.57 24.86 -8.65
CA ASP B 228 21.37 24.04 -9.55
C ASP B 228 20.67 22.73 -9.94
N GLY B 229 19.41 22.55 -9.54
CA GLY B 229 18.72 21.35 -9.92
C GLY B 229 17.64 20.99 -8.91
N PHE B 230 17.26 19.71 -8.97
CA PHE B 230 16.05 19.22 -8.31
C PHE B 230 16.25 17.86 -7.69
N LEU B 231 15.63 17.67 -6.54
CA LEU B 231 15.41 16.36 -5.94
C LEU B 231 13.90 16.16 -5.96
N VAL B 232 13.41 15.25 -6.78
CA VAL B 232 11.97 15.10 -6.92
C VAL B 232 11.55 13.69 -6.54
N GLY B 233 10.34 13.57 -6.01
CA GLY B 233 9.81 12.28 -5.67
C GLY B 233 8.82 11.78 -6.70
N SER B 234 7.57 12.25 -6.63
CA SER B 234 6.51 11.68 -7.44
C SER B 234 6.79 11.79 -8.93
N ALA B 235 7.35 12.92 -9.36
CA ALA B 235 7.64 13.13 -10.78
C ALA B 235 8.69 12.14 -11.29
N ALA B 236 9.54 11.60 -10.41
CA ALA B 236 10.51 10.60 -10.82
C ALA B 236 9.85 9.32 -11.33
N LEU B 237 8.58 9.11 -11.00
CA LEU B 237 7.87 7.91 -11.40
C LEU B 237 7.06 8.11 -12.68
N LYS B 238 7.22 9.26 -13.31
CA LYS B 238 6.38 9.72 -14.42
C LYS B 238 7.29 10.16 -15.55
N PRO B 239 6.73 10.29 -16.78
CA PRO B 239 7.54 10.86 -17.88
C PRO B 239 8.08 12.25 -17.58
N ASP B 240 7.47 12.96 -16.61
CA ASP B 240 7.96 14.28 -16.22
C ASP B 240 9.44 14.28 -15.91
N ILE B 241 9.98 13.16 -15.41
CA ILE B 241 11.39 13.17 -15.04
C ILE B 241 12.27 13.50 -16.24
N VAL B 242 11.84 13.10 -17.44
CA VAL B 242 12.57 13.46 -18.63
C VAL B 242 12.55 14.97 -18.85
N ASP B 243 11.37 15.57 -18.70
CA ASP B 243 11.25 17.02 -18.89
C ASP B 243 12.06 17.79 -17.83
N ILE B 244 12.11 17.26 -16.60
CA ILE B 244 12.88 17.93 -15.56
C ILE B 244 14.37 17.87 -15.87
N ILE B 245 14.85 16.70 -16.31
CA ILE B 245 16.25 16.59 -16.71
C ILE B 245 16.56 17.57 -17.83
N ASN B 246 15.59 17.83 -18.71
CA ASN B 246 15.80 18.67 -19.88
C ASN B 246 15.31 20.10 -19.65
N ALA B 247 15.13 20.51 -18.39
CA ALA B 247 14.50 21.80 -18.12
C ALA B 247 15.40 22.98 -18.48
N ARG B 248 16.70 22.77 -18.63
CA ARG B 248 17.61 23.84 -19.09
C ARG B 248 17.82 23.78 -20.61
N ARG C 5 -25.76 -30.02 5.32
CA ARG C 5 -25.25 -28.76 4.78
C ARG C 5 -23.91 -28.95 4.11
N LYS C 6 -23.81 -28.58 2.84
CA LYS C 6 -22.57 -28.75 2.09
C LYS C 6 -21.51 -27.76 2.57
N PHE C 7 -20.38 -28.27 3.04
CA PHE C 7 -19.25 -27.44 3.47
C PHE C 7 -18.96 -26.35 2.45
N PHE C 8 -18.74 -25.13 2.93
CA PHE C 8 -18.66 -23.96 2.07
C PHE C 8 -17.44 -23.13 2.46
N VAL C 9 -16.58 -22.83 1.51
CA VAL C 9 -15.41 -22.00 1.81
C VAL C 9 -15.35 -20.87 0.78
N ILE C 10 -15.29 -19.64 1.26
CA ILE C 10 -15.09 -18.48 0.40
C ILE C 10 -13.79 -17.80 0.78
N GLY C 11 -12.89 -17.64 -0.21
CA GLY C 11 -11.65 -16.93 0.00
C GLY C 11 -11.74 -15.52 -0.54
N ASN C 12 -11.72 -14.54 0.35
CA ASN C 12 -11.98 -13.14 0.01
C ASN C 12 -10.65 -12.42 -0.24
N TRP C 13 -10.42 -12.02 -1.49
CA TRP C 13 -9.18 -11.35 -1.85
C TRP C 13 -9.13 -9.89 -1.40
N LYS C 14 -10.26 -9.32 -0.99
CA LYS C 14 -10.36 -7.95 -0.49
C LYS C 14 -9.74 -7.01 -1.52
N MET C 15 -8.90 -6.04 -1.12
CA MET C 15 -8.20 -5.18 -2.06
C MET C 15 -6.71 -5.49 -2.09
N ASN C 16 -6.37 -6.78 -2.05
CA ASN C 16 -4.99 -7.23 -1.89
C ASN C 16 -4.42 -7.92 -3.12
N VAL C 17 -5.08 -7.85 -4.27
CA VAL C 17 -4.61 -8.57 -5.45
C VAL C 17 -4.53 -7.62 -6.64
N ASP C 18 -3.62 -7.93 -7.56
CA ASP C 18 -3.69 -7.40 -8.92
C ASP C 18 -3.85 -8.58 -9.87
N LYS C 19 -3.86 -8.28 -11.17
CA LYS C 19 -4.08 -9.35 -12.15
C LYS C 19 -3.01 -10.44 -12.03
N ASN C 20 -1.75 -10.04 -11.78
CA ASN C 20 -0.69 -11.05 -11.69
C ASN C 20 -0.89 -11.96 -10.49
N ARG C 21 -1.25 -11.39 -9.34
CA ARG C 21 -1.49 -12.19 -8.14
C ARG C 21 -2.70 -13.10 -8.32
N ILE C 22 -3.77 -12.60 -8.95
CA ILE C 22 -4.92 -13.45 -9.26
C ILE C 22 -4.48 -14.61 -10.14
N ASN C 23 -3.65 -14.33 -11.16
CA ASN C 23 -3.19 -15.41 -12.03
C ASN C 23 -2.52 -16.51 -11.23
N GLY C 24 -1.73 -16.16 -10.22
CA GLY C 24 -1.06 -17.18 -9.43
C GLY C 24 -2.03 -17.95 -8.55
N ILE C 25 -2.96 -17.23 -7.90
CA ILE C 25 -3.97 -17.88 -7.05
C ILE C 25 -4.84 -18.81 -7.88
N VAL C 26 -5.25 -18.36 -9.07
CA VAL C 26 -6.18 -19.11 -9.90
C VAL C 26 -5.53 -20.38 -10.43
N LYS C 27 -4.29 -20.28 -10.92
CA LYS C 27 -3.54 -21.47 -11.31
C LYS C 27 -3.50 -22.47 -10.17
N MET C 28 -3.11 -22.01 -8.98
CA MET C 28 -3.04 -22.89 -7.82
C MET C 28 -4.36 -23.58 -7.57
N MET C 29 -5.45 -22.81 -7.56
CA MET C 29 -6.75 -23.38 -7.27
C MET C 29 -7.20 -24.30 -8.39
N ASN C 30 -6.87 -23.97 -9.64
CA ASN C 30 -7.26 -24.82 -10.77
C ASN C 30 -6.57 -26.17 -10.69
N LYS C 31 -5.33 -26.19 -10.21
CA LYS C 31 -4.51 -27.38 -10.20
C LYS C 31 -4.66 -28.20 -8.93
N ALA C 32 -5.27 -27.63 -7.89
CA ALA C 32 -5.33 -28.27 -6.59
C ALA C 32 -6.32 -29.43 -6.59
N ALA C 33 -6.03 -30.41 -5.74
CA ALA C 33 -6.95 -31.52 -5.51
C ALA C 33 -7.92 -31.06 -4.43
N LEU C 34 -9.08 -30.59 -4.84
CA LEU C 34 -10.06 -30.05 -3.90
C LEU C 34 -11.14 -31.09 -3.62
N ASP C 35 -11.52 -31.18 -2.35
CA ASP C 35 -12.61 -32.04 -1.92
C ASP C 35 -13.85 -31.75 -2.75
N PRO C 36 -14.38 -32.73 -3.48
CA PRO C 36 -15.62 -32.49 -4.25
C PRO C 36 -16.84 -32.19 -3.38
N ASN C 37 -16.77 -32.48 -2.09
CA ASN C 37 -17.86 -32.21 -1.16
C ASN C 37 -17.82 -30.79 -0.60
N THR C 38 -16.91 -29.94 -1.08
CA THR C 38 -16.83 -28.56 -0.63
C THR C 38 -17.27 -27.63 -1.76
N GLU C 39 -18.11 -26.66 -1.43
CA GLU C 39 -18.47 -25.61 -2.37
C GLU C 39 -17.50 -24.46 -2.16
N ALA C 40 -16.70 -24.14 -3.19
CA ALA C 40 -15.63 -23.16 -3.07
C ALA C 40 -15.94 -21.92 -3.90
N VAL C 41 -15.68 -20.75 -3.32
CA VAL C 41 -15.94 -19.46 -3.95
C VAL C 41 -14.77 -18.53 -3.62
N VAL C 42 -14.46 -17.60 -4.52
CA VAL C 42 -13.48 -16.56 -4.24
C VAL C 42 -14.18 -15.20 -4.29
N GLY C 43 -13.74 -14.29 -3.44
CA GLY C 43 -14.27 -12.94 -3.41
C GLY C 43 -13.32 -12.02 -4.12
N CYS C 44 -13.82 -11.38 -5.18
CA CYS C 44 -12.90 -10.79 -6.14
C CYS C 44 -13.19 -9.30 -6.33
N PRO C 45 -12.17 -8.46 -6.48
CA PRO C 45 -12.43 -7.03 -6.72
C PRO C 45 -13.24 -6.83 -7.99
N SER C 46 -14.12 -5.83 -7.96
CA SER C 46 -15.03 -5.58 -9.08
C SER C 46 -14.30 -5.49 -10.42
N CYS C 47 -13.14 -4.83 -10.45
CA CYS C 47 -12.45 -4.64 -11.73
C CYS C 47 -11.80 -5.92 -12.27
N TYR C 48 -11.83 -7.02 -11.53
CA TYR C 48 -11.20 -8.24 -11.99
C TYR C 48 -12.20 -9.39 -12.11
N LEU C 49 -13.50 -9.12 -11.94
CA LEU C 49 -14.50 -10.18 -11.95
C LEU C 49 -14.39 -11.03 -13.21
N SER C 50 -14.42 -10.37 -14.37
CA SER C 50 -14.43 -11.10 -15.63
C SER C 50 -13.12 -11.87 -15.81
N HIS C 51 -12.00 -11.23 -15.45
CA HIS C 51 -10.71 -11.88 -15.54
C HIS C 51 -10.67 -13.15 -14.69
N ALA C 52 -11.10 -13.05 -13.44
CA ALA C 52 -11.11 -14.22 -12.56
C ALA C 52 -12.05 -15.30 -13.09
N ARG C 53 -13.27 -14.89 -13.49
CA ARG C 53 -14.24 -15.87 -13.95
C ARG C 53 -13.75 -16.61 -15.19
N GLU C 54 -13.07 -15.90 -16.09
CA GLU C 54 -12.60 -16.49 -17.34
C GLU C 54 -11.43 -17.44 -17.11
N HIS C 55 -10.69 -17.29 -16.02
CA HIS C 55 -9.50 -18.12 -15.81
C HIS C 55 -9.66 -19.15 -14.71
N LEU C 56 -10.71 -19.06 -13.91
CA LEU C 56 -10.92 -19.96 -12.80
C LEU C 56 -11.82 -21.12 -13.21
N SER C 57 -11.52 -22.32 -12.72
CA SER C 57 -12.35 -23.47 -13.00
C SER C 57 -13.81 -23.14 -12.74
N PRO C 58 -14.72 -23.49 -13.65
CA PRO C 58 -16.14 -23.14 -13.48
C PRO C 58 -16.75 -23.68 -12.21
N SER C 59 -16.21 -24.76 -11.64
CA SER C 59 -16.79 -25.32 -10.42
C SER C 59 -16.50 -24.48 -9.19
N ILE C 60 -15.55 -23.55 -9.26
CA ILE C 60 -15.30 -22.60 -8.19
C ILE C 60 -16.05 -21.31 -8.52
N GLY C 61 -16.86 -20.84 -7.60
CA GLY C 61 -17.60 -19.62 -7.82
C GLY C 61 -16.74 -18.36 -7.67
N VAL C 62 -17.24 -17.27 -8.24
CA VAL C 62 -16.63 -15.94 -8.13
C VAL C 62 -17.68 -15.00 -7.54
N ALA C 63 -17.32 -14.34 -6.45
CA ALA C 63 -18.21 -13.40 -5.77
C ALA C 63 -17.67 -11.98 -5.90
N ALA C 64 -18.54 -11.04 -6.28
CA ALA C 64 -18.24 -9.65 -6.04
C ALA C 64 -18.27 -9.38 -4.54
N GLN C 65 -17.58 -8.32 -4.14
CA GLN C 65 -17.39 -8.01 -2.72
C GLN C 65 -18.42 -7.04 -2.18
N ASN C 66 -19.28 -6.51 -3.05
CA ASN C 66 -20.28 -5.51 -2.73
C ASN C 66 -21.09 -5.29 -3.99
N CYS C 67 -22.28 -4.71 -3.83
CA CYS C 67 -23.01 -4.18 -4.97
C CYS C 67 -24.03 -3.19 -4.46
N TYR C 68 -24.69 -2.52 -5.39
CA TYR C 68 -25.71 -1.54 -5.07
C TYR C 68 -27.10 -2.20 -5.08
N LYS C 69 -28.14 -1.39 -4.87
CA LYS C 69 -29.48 -1.89 -4.56
C LYS C 69 -30.49 -1.77 -5.70
N VAL C 70 -30.08 -1.34 -6.90
CA VAL C 70 -30.94 -1.34 -8.08
C VAL C 70 -30.11 -1.81 -9.25
N ALA C 71 -30.79 -2.10 -10.36
CA ALA C 71 -30.14 -2.73 -11.52
C ALA C 71 -29.31 -1.75 -12.31
N ARG C 72 -29.72 -0.49 -12.39
CA ARG C 72 -29.02 0.49 -13.22
C ARG C 72 -29.41 1.88 -12.74
N GLY C 73 -28.65 2.88 -13.20
CA GLY C 73 -29.04 4.26 -12.95
C GLY C 73 -27.83 5.16 -12.75
N ASN C 74 -28.11 6.36 -12.21
CA ASN C 74 -27.09 7.40 -12.11
C ASN C 74 -26.38 7.28 -10.76
N PHE C 75 -25.59 6.19 -10.64
CA PHE C 75 -24.86 5.87 -9.40
C PHE C 75 -23.39 5.63 -9.70
N SER C 76 -22.67 6.72 -9.97
CA SER C 76 -21.22 6.64 -10.24
C SER C 76 -20.49 5.88 -9.13
N GLY C 77 -19.66 4.92 -9.54
CA GLY C 77 -18.87 4.15 -8.60
C GLY C 77 -19.52 2.89 -8.07
N GLU C 78 -20.78 2.62 -8.40
CA GLU C 78 -21.50 1.44 -7.95
C GLU C 78 -21.71 0.46 -9.10
N ILE C 79 -21.86 -0.83 -8.75
CA ILE C 79 -22.22 -1.86 -9.71
C ILE C 79 -23.40 -2.65 -9.16
N SER C 80 -24.17 -3.24 -10.06
CA SER C 80 -25.41 -3.92 -9.72
C SER C 80 -25.24 -5.43 -9.84
N PRO C 81 -26.12 -6.20 -9.18
CA PRO C 81 -26.13 -7.65 -9.40
C PRO C 81 -26.21 -7.99 -10.88
N GLU C 82 -27.01 -7.22 -11.61
CA GLU C 82 -27.17 -7.47 -13.03
C GLU C 82 -25.83 -7.34 -13.77
N MET C 83 -25.01 -6.38 -13.38
CA MET C 83 -23.70 -6.22 -14.01
C MET C 83 -22.73 -7.33 -13.58
N ILE C 84 -22.82 -7.74 -12.33
CA ILE C 84 -22.00 -8.87 -11.86
C ILE C 84 -22.32 -10.13 -12.66
N LYS C 85 -23.62 -10.41 -12.87
CA LYS C 85 -24.00 -11.56 -13.69
C LYS C 85 -23.55 -11.38 -15.12
N ASP C 86 -23.54 -10.15 -15.61
CA ASP C 86 -23.05 -9.85 -16.95
C ASP C 86 -21.57 -10.18 -17.08
N CYS C 87 -20.80 -10.14 -15.98
CA CYS C 87 -19.42 -10.59 -15.94
C CYS C 87 -19.30 -12.10 -15.74
N GLY C 88 -20.44 -12.80 -15.68
CA GLY C 88 -20.45 -14.24 -15.58
C GLY C 88 -20.39 -14.79 -14.18
N CYS C 89 -20.53 -13.95 -13.16
CA CYS C 89 -20.39 -14.34 -11.76
C CYS C 89 -21.74 -14.41 -11.08
N ASP C 90 -21.92 -15.41 -10.20
CA ASP C 90 -23.21 -15.70 -9.59
C ASP C 90 -23.34 -15.17 -8.16
N TRP C 91 -22.24 -14.78 -7.53
CA TRP C 91 -22.22 -14.55 -6.10
C TRP C 91 -21.93 -13.09 -5.77
N VAL C 92 -22.39 -12.67 -4.61
CA VAL C 92 -22.00 -11.37 -4.09
C VAL C 92 -21.97 -11.45 -2.58
N ILE C 93 -20.92 -10.85 -1.99
CA ILE C 93 -20.80 -10.69 -0.55
C ILE C 93 -21.50 -9.40 -0.17
N LEU C 94 -22.38 -9.46 0.82
CA LEU C 94 -23.12 -8.29 1.24
C LEU C 94 -23.04 -8.14 2.75
N GLY C 95 -22.92 -6.90 3.18
CA GLY C 95 -22.81 -6.66 4.60
C GLY C 95 -21.47 -7.03 5.20
N HIS C 96 -20.41 -7.13 4.39
CA HIS C 96 -19.11 -7.48 4.93
C HIS C 96 -18.74 -6.55 6.09
N PRO C 97 -18.13 -7.06 7.16
CA PRO C 97 -17.79 -6.19 8.30
C PRO C 97 -17.01 -4.94 7.92
N GLU C 98 -16.15 -5.01 6.90
CA GLU C 98 -15.44 -3.81 6.48
C GLU C 98 -16.40 -2.75 5.92
N ARG C 99 -17.47 -3.18 5.22
CA ARG C 99 -18.47 -2.20 4.77
C ARG C 99 -19.28 -1.65 5.95
N ARG C 100 -19.64 -2.52 6.90
CA ARG C 100 -20.44 -2.09 8.04
C ARG C 100 -19.69 -1.09 8.90
N THR C 101 -18.38 -1.28 9.06
CA THR C 101 -17.57 -0.44 9.95
C THR C 101 -16.98 0.73 9.17
N ILE C 102 -15.98 0.46 8.32
CA ILE C 102 -15.26 1.54 7.66
C ILE C 102 -16.20 2.43 6.86
N PHE C 103 -17.16 1.82 6.14
CA PHE C 103 -18.07 2.57 5.28
C PHE C 103 -19.43 2.79 5.91
N SER C 104 -19.63 2.38 7.16
CA SER C 104 -20.81 2.73 7.95
C SER C 104 -22.11 2.34 7.26
N GLU C 105 -22.11 1.24 6.51
CA GLU C 105 -23.32 0.79 5.86
C GLU C 105 -24.32 0.30 6.90
N PRO C 106 -25.49 0.93 7.02
CA PRO C 106 -26.49 0.49 7.99
C PRO C 106 -27.23 -0.76 7.53
N ASP C 107 -27.84 -1.44 8.52
CA ASP C 107 -28.57 -2.67 8.21
C ASP C 107 -29.65 -2.44 7.16
N SER C 108 -30.34 -1.30 7.20
CA SER C 108 -31.42 -1.05 6.26
C SER C 108 -30.91 -0.95 4.82
N PHE C 109 -29.69 -0.44 4.64
CA PHE C 109 -29.06 -0.36 3.32
C PHE C 109 -28.66 -1.75 2.84
N ILE C 110 -28.02 -2.52 3.72
CA ILE C 110 -27.67 -3.90 3.38
C ILE C 110 -28.93 -4.69 3.04
N ALA C 111 -30.03 -4.44 3.78
CA ALA C 111 -31.29 -5.12 3.48
C ALA C 111 -31.77 -4.80 2.07
N GLU C 112 -31.72 -3.53 1.67
CA GLU C 112 -32.14 -3.19 0.32
C GLU C 112 -31.28 -3.92 -0.71
N LYS C 113 -29.97 -4.05 -0.44
CA LYS C 113 -29.10 -4.75 -1.38
C LYS C 113 -29.44 -6.22 -1.44
N VAL C 114 -29.63 -6.85 -0.28
CA VAL C 114 -29.93 -8.27 -0.26
C VAL C 114 -31.23 -8.55 -1.00
N ALA C 115 -32.23 -7.71 -0.78
CA ALA C 115 -33.52 -7.91 -1.43
C ALA C 115 -33.38 -7.83 -2.95
N HIS C 116 -32.69 -6.80 -3.44
CA HIS C 116 -32.58 -6.69 -4.88
C HIS C 116 -31.67 -7.78 -5.46
N ALA C 117 -30.62 -8.18 -4.72
CA ALA C 117 -29.80 -9.31 -5.16
C ALA C 117 -30.64 -10.60 -5.23
N GLN C 118 -31.55 -10.79 -4.27
CA GLN C 118 -32.47 -11.93 -4.36
C GLN C 118 -33.33 -11.83 -5.61
N GLU C 119 -33.85 -10.63 -5.89
CA GLU C 119 -34.67 -10.41 -7.09
CA GLU C 119 -34.69 -10.48 -7.08
C GLU C 119 -33.89 -10.73 -8.35
N ALA C 120 -32.62 -10.36 -8.38
CA ALA C 120 -31.80 -10.53 -9.56
C ALA C 120 -31.29 -11.96 -9.71
N GLY C 121 -31.59 -12.85 -8.77
CA GLY C 121 -31.13 -14.21 -8.88
C GLY C 121 -29.72 -14.47 -8.43
N MET C 122 -29.13 -13.59 -7.63
CA MET C 122 -27.79 -13.82 -7.10
C MET C 122 -27.81 -14.89 -6.01
N LYS C 123 -26.64 -15.45 -5.78
CA LYS C 123 -26.37 -16.14 -4.53
C LYS C 123 -25.57 -15.17 -3.67
N ILE C 124 -25.86 -15.15 -2.36
CA ILE C 124 -25.41 -14.08 -1.48
C ILE C 124 -24.66 -14.70 -0.29
N ILE C 125 -23.49 -14.15 0.03
CA ILE C 125 -22.83 -14.41 1.30
C ILE C 125 -23.15 -13.20 2.18
N ALA C 126 -24.11 -13.37 3.10
CA ALA C 126 -24.59 -12.26 3.92
C ALA C 126 -23.86 -12.31 5.25
N CYS C 127 -23.22 -11.22 5.62
CA CYS C 127 -22.29 -11.23 6.74
C CYS C 127 -22.89 -10.57 7.98
N LEU C 128 -22.58 -11.16 9.14
CA LEU C 128 -22.89 -10.65 10.46
C LEU C 128 -21.59 -10.31 11.17
N CYS C 129 -21.62 -9.37 12.10
CA CYS C 129 -20.39 -9.12 12.84
C CYS C 129 -20.68 -8.45 14.18
N GLU C 130 -19.84 -8.78 15.16
CA GLU C 130 -19.91 -8.21 16.49
C GLU C 130 -18.60 -7.47 16.74
N THR C 131 -18.70 -6.18 17.02
CA THR C 131 -17.52 -5.37 17.26
C THR C 131 -16.96 -5.63 18.66
N THR C 132 -15.72 -5.16 18.87
CA THR C 132 -15.10 -5.25 20.20
C THR C 132 -15.99 -4.57 21.24
N GLU C 133 -16.41 -3.34 20.95
CA GLU C 133 -17.37 -2.63 21.80
C GLU C 133 -18.61 -3.46 22.11
N ASP C 134 -19.22 -4.07 21.09
CA ASP C 134 -20.42 -4.89 21.32
C ASP C 134 -20.13 -5.99 22.34
N ARG C 135 -18.96 -6.61 22.23
CA ARG C 135 -18.62 -7.70 23.14
C ARG C 135 -18.46 -7.19 24.57
N LYS C 136 -17.84 -6.02 24.73
CA LYS C 136 -17.56 -5.52 26.08
C LYS C 136 -18.81 -4.97 26.74
N GLU C 137 -19.70 -4.32 25.97
CA GLU C 137 -20.98 -3.88 26.49
C GLU C 137 -21.99 -5.01 26.63
N GLY C 138 -21.60 -6.25 26.35
CA GLY C 138 -22.48 -7.38 26.50
C GLY C 138 -23.69 -7.40 25.60
N ARG C 139 -23.65 -6.70 24.46
CA ARG C 139 -24.80 -6.64 23.57
C ARG C 139 -24.64 -7.52 22.32
N THR C 140 -23.91 -8.63 22.45
CA THR C 140 -23.73 -9.55 21.31
C THR C 140 -25.05 -10.03 20.75
N LYS C 141 -25.94 -10.53 21.63
CA LYS C 141 -27.24 -11.01 21.19
C LYS C 141 -28.04 -9.89 20.53
N GLU C 142 -28.02 -8.71 21.16
CA GLU C 142 -28.78 -7.58 20.64
C GLU C 142 -28.35 -7.21 19.24
N VAL C 143 -27.03 -7.11 19.00
CA VAL C 143 -26.58 -6.65 17.69
C VAL C 143 -26.77 -7.75 16.64
N LEU C 144 -26.45 -9.00 16.98
CA LEU C 144 -26.58 -10.08 16.02
C LEU C 144 -28.05 -10.32 15.67
N PHE C 145 -28.96 -10.15 16.64
CA PHE C 145 -30.37 -10.36 16.36
C PHE C 145 -30.91 -9.24 15.47
N LYS C 146 -30.47 -8.01 15.68
CA LYS C 146 -30.91 -6.91 14.82
C LYS C 146 -30.43 -7.13 13.39
N GLN C 147 -29.16 -7.55 13.24
CA GLN C 147 -28.62 -7.82 11.91
C GLN C 147 -29.37 -8.95 11.23
N LEU C 148 -29.69 -10.00 11.99
CA LEU C 148 -30.37 -11.14 11.40
C LEU C 148 -31.80 -10.80 11.01
N LYS C 149 -32.51 -10.08 11.90
CA LYS C 149 -33.87 -9.66 11.59
C LYS C 149 -33.91 -8.84 10.32
N SER C 150 -32.91 -7.96 10.14
CA SER C 150 -32.83 -7.15 8.93
CA SER C 150 -32.84 -7.16 8.94
C SER C 150 -32.60 -8.03 7.71
N LEU C 151 -31.63 -8.96 7.78
CA LEU C 151 -31.37 -9.84 6.65
C LEU C 151 -32.59 -10.68 6.31
N ALA C 152 -33.19 -11.30 7.33
CA ALA C 152 -34.30 -12.22 7.08
C ALA C 152 -35.49 -11.53 6.43
N GLY C 153 -35.68 -10.24 6.71
CA GLY C 153 -36.76 -9.52 6.06
C GLY C 153 -36.54 -9.35 4.57
N ALA C 154 -35.28 -9.38 4.14
CA ALA C 154 -34.90 -9.20 2.75
C ALA C 154 -34.70 -10.51 2.00
N ILE C 155 -34.94 -11.66 2.63
CA ILE C 155 -34.65 -12.96 2.03
C ILE C 155 -35.94 -13.77 1.95
N ARG C 156 -36.30 -14.19 0.75
CA ARG C 156 -37.42 -15.11 0.58
C ARG C 156 -37.01 -16.44 -0.02
N ASP C 157 -35.76 -16.57 -0.47
CA ASP C 157 -35.25 -17.82 -1.00
C ASP C 157 -33.91 -18.07 -0.29
N TRP C 158 -33.97 -18.81 0.83
CA TRP C 158 -32.78 -19.08 1.61
C TRP C 158 -31.84 -20.08 0.95
N SER C 159 -32.30 -20.82 -0.07
CA SER C 159 -31.42 -21.77 -0.75
C SER C 159 -30.23 -21.08 -1.41
N ARG C 160 -30.35 -19.78 -1.71
CA ARG C 160 -29.31 -19.01 -2.37
C ARG C 160 -28.59 -18.08 -1.40
N VAL C 161 -28.60 -18.39 -0.11
CA VAL C 161 -27.97 -17.53 0.89
C VAL C 161 -27.08 -18.37 1.77
N VAL C 162 -25.92 -17.84 2.09
CA VAL C 162 -25.03 -18.35 3.12
C VAL C 162 -24.81 -17.22 4.11
N LEU C 163 -24.77 -17.55 5.40
CA LEU C 163 -24.45 -16.56 6.42
C LEU C 163 -23.03 -16.72 6.91
N ALA C 164 -22.37 -15.59 7.17
CA ALA C 164 -21.01 -15.57 7.72
C ALA C 164 -20.95 -14.65 8.92
N PHE C 165 -20.28 -15.11 9.98
CA PHE C 165 -20.16 -14.35 11.22
C PHE C 165 -18.70 -14.06 11.52
N GLU C 166 -18.38 -12.78 11.75
CA GLU C 166 -17.06 -12.36 12.19
C GLU C 166 -17.13 -11.80 13.61
N ALA C 167 -16.30 -12.33 14.49
CA ALA C 167 -16.08 -11.76 15.82
C ALA C 167 -14.94 -10.77 15.65
N LEU C 168 -15.28 -9.47 15.53
CA LEU C 168 -14.22 -8.48 15.28
C LEU C 168 -13.26 -8.40 16.46
N TRP C 169 -13.73 -8.72 17.66
CA TRP C 169 -12.87 -8.72 18.85
C TRP C 169 -11.86 -9.89 18.85
N ALA C 170 -11.91 -10.77 17.86
CA ALA C 170 -11.01 -11.91 17.85
C ALA C 170 -9.85 -11.71 16.88
N SER C 171 -9.66 -10.50 16.35
CA SER C 171 -8.57 -10.22 15.42
C SER C 171 -7.85 -8.98 15.91
N ASN C 172 -6.55 -9.13 16.20
CA ASN C 172 -5.65 -8.04 16.57
C ASN C 172 -6.18 -7.21 17.75
N THR C 173 -6.65 -7.90 18.79
CA THR C 173 -6.82 -7.30 20.12
C THR C 173 -5.98 -7.96 21.19
N GLY C 174 -5.26 -9.04 20.87
CA GLY C 174 -4.61 -9.86 21.88
C GLY C 174 -5.47 -10.97 22.42
N VAL C 175 -6.77 -10.95 22.16
CA VAL C 175 -7.71 -11.97 22.63
C VAL C 175 -8.02 -12.89 21.46
N PHE C 176 -7.93 -14.20 21.69
CA PHE C 176 -8.14 -15.20 20.66
C PHE C 176 -9.40 -16.00 20.98
N ALA C 177 -10.22 -16.22 19.95
CA ALA C 177 -11.48 -16.93 20.16
C ALA C 177 -11.24 -18.42 20.25
N THR C 178 -11.73 -19.03 21.31
CA THR C 178 -11.64 -20.48 21.42
C THR C 178 -12.64 -21.13 20.46
N ASN C 179 -12.40 -22.40 20.17
CA ASN C 179 -13.38 -23.18 19.41
C ASN C 179 -14.74 -23.12 20.07
N GLN C 180 -14.78 -23.06 21.40
CA GLN C 180 -16.05 -23.03 22.12
C GLN C 180 -16.82 -21.76 21.79
N GLN C 181 -16.14 -20.61 21.81
CA GLN C 181 -16.84 -19.37 21.54
C GLN C 181 -17.27 -19.26 20.09
N VAL C 182 -16.54 -19.88 19.17
CA VAL C 182 -16.97 -19.93 17.78
C VAL C 182 -18.22 -20.78 17.64
N GLN C 183 -18.15 -22.02 18.13
CA GLN C 183 -19.30 -22.91 18.08
C GLN C 183 -20.52 -22.25 18.71
N GLU C 184 -20.32 -21.53 19.81
CA GLU C 184 -21.47 -20.98 20.52
C GLU C 184 -22.10 -19.84 19.75
N ALA C 185 -21.29 -19.01 19.08
CA ALA C 185 -21.86 -17.94 18.29
C ALA C 185 -22.68 -18.50 17.12
N LEU C 186 -22.13 -19.52 16.45
CA LEU C 186 -22.82 -20.12 15.31
C LEU C 186 -24.11 -20.83 15.75
N ALA C 187 -24.07 -21.53 16.89
CA ALA C 187 -25.30 -22.16 17.41
C ALA C 187 -26.35 -21.11 17.75
N LEU C 188 -25.93 -19.93 18.19
CA LEU C 188 -26.86 -18.84 18.49
C LEU C 188 -27.58 -18.37 17.24
N VAL C 189 -26.83 -18.16 16.16
CA VAL C 189 -27.43 -17.80 14.87
C VAL C 189 -28.38 -18.89 14.42
N ARG C 190 -27.96 -20.15 14.51
CA ARG C 190 -28.83 -21.21 14.01
C ARG C 190 -30.13 -21.27 14.78
N ASP C 191 -30.10 -21.04 16.09
CA ASP C 191 -31.34 -21.13 16.85
C ASP C 191 -32.22 -19.92 16.62
N TRP C 192 -31.61 -18.75 16.35
CA TRP C 192 -32.41 -17.60 15.92
C TRP C 192 -33.20 -17.93 14.66
N LEU C 193 -32.58 -18.64 13.71
CA LEU C 193 -33.30 -19.06 12.51
C LEU C 193 -34.41 -20.04 12.84
N ARG C 194 -34.14 -20.99 13.74
CA ARG C 194 -35.19 -21.90 14.18
C ARG C 194 -36.39 -21.14 14.76
N ASN C 195 -36.11 -20.12 15.57
CA ASN C 195 -37.18 -19.42 16.28
C ASN C 195 -37.91 -18.42 15.41
N ASN C 196 -37.22 -17.82 14.46
CA ASN C 196 -37.77 -16.66 13.77
C ASN C 196 -38.01 -16.85 12.30
N VAL C 197 -37.45 -17.89 11.67
CA VAL C 197 -37.72 -18.13 10.26
C VAL C 197 -38.40 -19.48 10.13
N SER C 198 -37.63 -20.57 10.22
CA SER C 198 -38.21 -21.91 10.26
C SER C 198 -37.12 -22.91 10.62
N GLU C 199 -37.54 -24.04 11.16
CA GLU C 199 -36.55 -25.07 11.47
C GLU C 199 -35.97 -25.68 10.19
N ARG C 200 -36.74 -25.72 9.11
CA ARG C 200 -36.19 -26.18 7.83
C ARG C 200 -35.07 -25.27 7.36
N VAL C 201 -35.27 -23.96 7.45
CA VAL C 201 -34.24 -23.01 7.04
C VAL C 201 -33.01 -23.16 7.94
N ALA C 202 -33.22 -23.25 9.25
CA ALA C 202 -32.11 -23.42 10.17
C ALA C 202 -31.33 -24.69 9.84
N ASP C 203 -32.03 -25.77 9.48
CA ASP C 203 -31.33 -27.02 9.22
C ASP C 203 -30.51 -26.97 7.95
N THR C 204 -30.86 -26.12 6.99
CA THR C 204 -30.27 -26.20 5.65
C THR C 204 -29.33 -25.05 5.33
N THR C 205 -29.31 -24.00 6.14
CA THR C 205 -28.55 -22.80 5.83
C THR C 205 -27.11 -22.93 6.33
N ARG C 206 -26.15 -22.64 5.46
CA ARG C 206 -24.75 -22.74 5.82
C ARG C 206 -24.35 -21.53 6.66
N LEU C 207 -23.70 -21.80 7.79
CA LEU C 207 -23.21 -20.76 8.68
C LEU C 207 -21.69 -20.83 8.70
N LEU C 208 -21.05 -19.73 8.33
CA LEU C 208 -19.60 -19.68 8.20
C LEU C 208 -18.97 -18.89 9.33
N TYR C 209 -17.76 -19.28 9.71
CA TYR C 209 -16.95 -18.47 10.60
C TYR C 209 -16.01 -17.64 9.75
N ALA C 210 -16.02 -16.34 10.00
CA ALA C 210 -15.09 -15.40 9.38
C ALA C 210 -14.05 -15.02 10.43
N GLY C 211 -12.82 -15.48 10.24
CA GLY C 211 -11.79 -15.20 11.22
C GLY C 211 -10.44 -15.68 10.72
N SER C 212 -9.48 -15.71 11.64
CA SER C 212 -8.10 -16.10 11.29
C SER C 212 -8.02 -17.62 11.20
N VAL C 213 -8.38 -18.14 10.05
CA VAL C 213 -8.36 -19.56 9.76
C VAL C 213 -7.24 -19.82 8.77
N ASN C 214 -6.42 -20.83 9.05
CA ASN C 214 -5.28 -21.12 8.20
C ASN C 214 -5.01 -22.61 8.25
N SER C 215 -3.95 -23.04 7.55
CA SER C 215 -3.65 -24.45 7.47
C SER C 215 -3.49 -25.09 8.84
N GLY C 216 -3.14 -24.30 9.86
CA GLY C 216 -2.84 -24.81 11.18
C GLY C 216 -4.01 -25.07 12.10
N ASN C 217 -5.12 -24.34 11.92
CA ASN C 217 -6.27 -24.52 12.80
C ASN C 217 -7.53 -24.93 12.04
N CYS C 218 -7.47 -25.16 10.73
CA CYS C 218 -8.69 -25.32 9.96
C CYS C 218 -9.33 -26.68 10.15
N ARG C 219 -8.53 -27.76 10.19
CA ARG C 219 -9.14 -29.09 10.32
C ARG C 219 -9.89 -29.21 11.64
N GLU C 220 -9.38 -28.58 12.69
CA GLU C 220 -10.03 -28.65 13.99
C GLU C 220 -11.31 -27.81 14.02
N MET C 221 -11.30 -26.63 13.39
CA MET C 221 -12.52 -25.83 13.38
C MET C 221 -13.58 -26.42 12.45
N ALA C 222 -13.18 -27.09 11.37
CA ALA C 222 -14.17 -27.63 10.45
C ALA C 222 -15.04 -28.70 11.08
N ALA C 223 -14.67 -29.20 12.25
CA ALA C 223 -15.44 -30.25 12.91
C ALA C 223 -16.35 -29.71 14.00
N LEU C 224 -16.33 -28.39 14.24
CA LEU C 224 -17.27 -27.79 15.18
C LEU C 224 -18.71 -28.04 14.75
N LYS C 225 -19.61 -28.14 15.73
CA LYS C 225 -20.94 -28.72 15.47
C LYS C 225 -21.73 -27.91 14.46
N ASP C 226 -21.81 -26.59 14.65
CA ASP C 226 -22.68 -25.75 13.84
C ASP C 226 -21.93 -24.96 12.79
N LEU C 227 -20.67 -25.31 12.54
CA LEU C 227 -19.87 -24.64 11.52
C LEU C 227 -20.05 -25.38 10.20
N ASP C 228 -20.33 -24.61 9.14
CA ASP C 228 -20.50 -25.17 7.80
C ASP C 228 -19.44 -24.69 6.84
N GLY C 229 -18.46 -23.94 7.31
CA GLY C 229 -17.38 -23.49 6.44
C GLY C 229 -16.81 -22.19 6.94
N PHE C 230 -16.14 -21.48 6.03
CA PHE C 230 -15.28 -20.38 6.42
C PHE C 230 -15.36 -19.25 5.40
N LEU C 231 -15.25 -18.04 5.92
CA LEU C 231 -14.94 -16.84 5.13
C LEU C 231 -13.56 -16.38 5.58
N VAL C 232 -12.59 -16.47 4.69
CA VAL C 232 -11.22 -16.20 5.09
C VAL C 232 -10.64 -15.11 4.21
N GLY C 233 -9.82 -14.24 4.82
CA GLY C 233 -9.15 -13.20 4.08
C GLY C 233 -7.72 -13.56 3.71
N SER C 234 -6.80 -13.38 4.65
CA SER C 234 -5.38 -13.53 4.34
C SER C 234 -5.06 -14.91 3.80
N ALA C 235 -5.62 -15.97 4.39
CA ALA C 235 -5.31 -17.31 3.91
C ALA C 235 -5.78 -17.54 2.48
N ALA C 236 -6.74 -16.74 2.00
CA ALA C 236 -7.22 -16.89 0.63
C ALA C 236 -6.12 -16.63 -0.39
N LEU C 237 -5.07 -15.94 0.02
CA LEU C 237 -3.95 -15.55 -0.84
C LEU C 237 -2.78 -16.51 -0.72
N LYS C 238 -2.93 -17.58 0.03
CA LYS C 238 -1.85 -18.50 0.35
C LYS C 238 -2.27 -19.92 -0.05
N PRO C 239 -1.31 -20.85 -0.09
CA PRO C 239 -1.69 -22.26 -0.31
C PRO C 239 -2.66 -22.80 0.73
N ASP C 240 -2.77 -22.15 1.89
CA ASP C 240 -3.70 -22.60 2.93
C ASP C 240 -5.13 -22.73 2.42
N ILE C 241 -5.52 -21.92 1.44
CA ILE C 241 -6.91 -21.94 1.01
C ILE C 241 -7.30 -23.33 0.52
N VAL C 242 -6.34 -24.07 -0.05
CA VAL C 242 -6.62 -25.44 -0.46
C VAL C 242 -6.81 -26.34 0.76
N ASP C 243 -5.97 -26.18 1.78
CA ASP C 243 -6.15 -26.96 3.02
C ASP C 243 -7.45 -26.61 3.72
N ILE C 244 -7.88 -25.36 3.63
CA ILE C 244 -9.17 -24.99 4.23
C ILE C 244 -10.31 -25.64 3.46
N ILE C 245 -10.25 -25.59 2.13
CA ILE C 245 -11.30 -26.24 1.33
C ILE C 245 -11.36 -27.72 1.63
N ASN C 246 -10.20 -28.34 1.90
CA ASN C 246 -10.07 -29.77 2.16
C ASN C 246 -10.14 -30.10 3.65
N ALA C 247 -10.64 -29.18 4.48
CA ALA C 247 -10.55 -29.34 5.92
C ALA C 247 -11.32 -30.55 6.45
N ARG C 248 -12.19 -31.16 5.63
CA ARG C 248 -12.89 -32.39 6.02
C ARG C 248 -12.54 -33.58 5.13
N ARG D 5 7.86 -30.02 16.40
CA ARG D 5 8.42 -28.78 15.85
C ARG D 5 9.69 -29.09 15.08
N LYS D 6 9.68 -28.76 13.79
CA LYS D 6 10.83 -29.04 12.92
C LYS D 6 11.99 -28.13 13.27
N PHE D 7 13.17 -28.73 13.48
CA PHE D 7 14.37 -27.99 13.86
C PHE D 7 14.65 -26.88 12.86
N PHE D 8 14.95 -25.68 13.37
CA PHE D 8 15.02 -24.46 12.57
C PHE D 8 16.30 -23.71 12.91
N VAL D 9 17.12 -23.42 11.91
CA VAL D 9 18.37 -22.69 12.11
C VAL D 9 18.40 -21.53 11.13
N ILE D 10 18.55 -20.30 11.64
CA ILE D 10 18.74 -19.14 10.77
C ILE D 10 20.10 -18.53 11.03
N GLY D 11 20.92 -18.46 9.97
CA GLY D 11 22.19 -17.75 10.03
C GLY D 11 22.09 -16.31 9.58
N ASN D 12 22.21 -15.36 10.52
CA ASN D 12 22.05 -13.94 10.24
C ASN D 12 23.40 -13.32 9.88
N TRP D 13 23.56 -12.87 8.63
CA TRP D 13 24.81 -12.28 8.20
C TRP D 13 24.97 -10.84 8.65
N LYS D 14 23.93 -10.27 9.26
CA LYS D 14 23.92 -8.90 9.73
C LYS D 14 24.54 -7.98 8.68
N MET D 15 25.42 -7.08 9.10
CA MET D 15 26.08 -6.19 8.14
C MET D 15 27.54 -6.61 7.94
N ASN D 16 27.80 -7.92 7.86
CA ASN D 16 29.15 -8.46 7.89
C ASN D 16 29.58 -9.11 6.57
N VAL D 17 28.83 -8.91 5.49
CA VAL D 17 29.11 -9.61 4.24
C VAL D 17 29.11 -8.62 3.09
N ASP D 18 29.90 -8.93 2.06
CA ASP D 18 29.73 -8.37 0.73
C ASP D 18 29.45 -9.53 -0.24
N LYS D 19 29.38 -9.20 -1.53
CA LYS D 19 29.02 -10.20 -2.53
C LYS D 19 30.01 -11.35 -2.51
N ASN D 20 31.31 -11.03 -2.42
CA ASN D 20 32.34 -12.07 -2.40
C ASN D 20 32.19 -12.99 -1.21
N ARG D 21 31.95 -12.44 -0.02
CA ARG D 21 31.79 -13.29 1.17
C ARG D 21 30.54 -14.13 1.07
N ILE D 22 29.47 -13.55 0.53
CA ILE D 22 28.24 -14.30 0.32
C ILE D 22 28.49 -15.46 -0.63
N ASN D 23 29.21 -15.22 -1.72
CA ASN D 23 29.54 -16.31 -2.64
C ASN D 23 30.27 -17.43 -1.91
N GLY D 24 31.24 -17.10 -1.07
CA GLY D 24 31.91 -18.13 -0.29
C GLY D 24 30.98 -18.90 0.63
N ILE D 25 30.14 -18.17 1.39
CA ILE D 25 29.23 -18.82 2.31
C ILE D 25 28.24 -19.69 1.55
N VAL D 26 27.72 -19.17 0.45
CA VAL D 26 26.70 -19.91 -0.29
C VAL D 26 27.29 -21.16 -0.92
N LYS D 27 28.51 -21.06 -1.47
CA LYS D 27 29.18 -22.24 -2.00
C LYS D 27 29.32 -23.31 -0.93
N MET D 28 29.74 -22.90 0.28
CA MET D 28 29.92 -23.85 1.37
C MET D 28 28.61 -24.50 1.79
N MET D 29 27.54 -23.69 1.92
CA MET D 29 26.25 -24.26 2.32
C MET D 29 25.67 -25.14 1.22
N ASN D 30 25.88 -24.78 -0.05
CA ASN D 30 25.29 -25.54 -1.16
C ASN D 30 25.90 -26.92 -1.27
N LYS D 31 27.20 -27.05 -1.02
CA LYS D 31 27.90 -28.32 -1.19
C LYS D 31 27.85 -29.18 0.05
N ALA D 32 27.75 -28.57 1.24
CA ALA D 32 27.76 -29.33 2.49
C ALA D 32 26.60 -30.31 2.56
N ALA D 33 26.80 -31.39 3.31
CA ALA D 33 25.73 -32.32 3.60
C ALA D 33 24.90 -31.78 4.77
N LEU D 34 23.70 -31.31 4.47
CA LEU D 34 22.83 -30.72 5.48
C LEU D 34 21.73 -31.70 5.85
N ASP D 35 21.46 -31.82 7.14
CA ASP D 35 20.37 -32.65 7.64
C ASP D 35 19.06 -32.23 6.98
N PRO D 36 18.39 -33.10 6.21
CA PRO D 36 17.12 -32.71 5.58
C PRO D 36 16.00 -32.48 6.59
N ASN D 37 16.16 -32.90 7.84
CA ASN D 37 15.19 -32.62 8.87
C ASN D 37 15.30 -31.22 9.43
N THR D 38 16.23 -30.39 8.95
CA THR D 38 16.40 -29.05 9.47
C THR D 38 15.93 -28.04 8.43
N GLU D 39 15.15 -27.07 8.87
CA GLU D 39 14.72 -25.95 8.05
C GLU D 39 15.76 -24.84 8.23
N ALA D 40 16.50 -24.53 7.18
CA ALA D 40 17.60 -23.59 7.25
C ALA D 40 17.24 -22.32 6.49
N VAL D 41 17.61 -21.17 7.07
CA VAL D 41 17.39 -19.86 6.47
C VAL D 41 18.64 -19.01 6.73
N VAL D 42 18.92 -18.06 5.84
CA VAL D 42 20.01 -17.10 6.07
C VAL D 42 19.42 -15.69 6.10
N GLY D 43 19.94 -14.85 6.98
CA GLY D 43 19.51 -13.47 7.09
C GLY D 43 20.45 -12.58 6.31
N CYS D 44 19.91 -11.91 5.30
CA CYS D 44 20.74 -11.30 4.28
C CYS D 44 20.49 -9.79 4.19
N PRO D 45 21.53 -8.98 4.01
CA PRO D 45 21.30 -7.54 3.81
C PRO D 45 20.38 -7.27 2.63
N SER D 46 19.61 -6.19 2.72
CA SER D 46 18.60 -5.89 1.73
C SER D 46 19.18 -5.77 0.33
N CYS D 47 20.37 -5.17 0.21
CA CYS D 47 20.94 -4.96 -1.11
C CYS D 47 21.46 -6.24 -1.76
N TYR D 48 21.46 -7.36 -1.03
CA TYR D 48 21.98 -8.60 -1.57
C TYR D 48 20.93 -9.70 -1.65
N LEU D 49 19.65 -9.38 -1.37
CA LEU D 49 18.60 -10.40 -1.29
C LEU D 49 18.50 -11.20 -2.59
N SER D 50 18.38 -10.50 -3.71
CA SER D 50 18.26 -11.19 -5.00
C SER D 50 19.49 -12.02 -5.29
N HIS D 51 20.68 -11.47 -5.04
CA HIS D 51 21.92 -12.19 -5.27
C HIS D 51 22.01 -13.46 -4.43
N ALA D 52 21.70 -13.35 -3.14
CA ALA D 52 21.72 -14.53 -2.28
C ALA D 52 20.72 -15.57 -2.76
N ARG D 53 19.49 -15.13 -3.05
CA ARG D 53 18.43 -16.07 -3.42
C ARG D 53 18.73 -16.79 -4.73
N GLU D 54 19.31 -16.08 -5.71
CA GLU D 54 19.57 -16.70 -7.00
C GLU D 54 20.74 -17.64 -6.97
N HIS D 55 21.60 -17.57 -5.95
CA HIS D 55 22.77 -18.44 -5.86
C HIS D 55 22.62 -19.52 -4.80
N LEU D 56 21.70 -19.36 -3.86
CA LEU D 56 21.56 -20.30 -2.77
C LEU D 56 20.69 -21.48 -3.17
N SER D 57 20.99 -22.63 -2.60
CA SER D 57 20.17 -23.81 -2.79
C SER D 57 18.70 -23.50 -2.51
N PRO D 58 17.78 -23.92 -3.39
CA PRO D 58 16.36 -23.65 -3.15
C PRO D 58 15.86 -24.19 -1.82
N SER D 59 16.58 -25.17 -1.24
CA SER D 59 16.21 -25.77 0.03
C SER D 59 16.36 -24.81 1.20
N ILE D 60 17.25 -23.84 1.09
CA ILE D 60 17.55 -22.91 2.18
C ILE D 60 16.82 -21.60 1.90
N GLY D 61 16.12 -21.08 2.92
CA GLY D 61 15.42 -19.83 2.77
C GLY D 61 16.32 -18.59 2.89
N VAL D 62 15.80 -17.47 2.40
CA VAL D 62 16.45 -16.17 2.54
C VAL D 62 15.51 -15.22 3.26
N ALA D 63 16.01 -14.55 4.29
CA ALA D 63 15.24 -13.63 5.09
C ALA D 63 15.88 -12.25 5.01
N ALA D 64 15.06 -11.23 4.77
CA ALA D 64 15.52 -9.88 5.01
C ALA D 64 15.70 -9.70 6.51
N GLN D 65 16.47 -8.69 6.89
CA GLN D 65 16.76 -8.47 8.29
C GLN D 65 15.85 -7.45 8.94
N ASN D 66 14.93 -6.85 8.17
CA ASN D 66 14.03 -5.80 8.64
C ASN D 66 13.12 -5.44 7.47
N CYS D 67 12.00 -4.80 7.79
CA CYS D 67 11.16 -4.19 6.75
C CYS D 67 10.24 -3.18 7.42
N TYR D 68 9.51 -2.43 6.60
CA TYR D 68 8.63 -1.39 7.09
C TYR D 68 7.20 -1.92 7.20
N LYS D 69 6.27 -1.03 7.57
CA LYS D 69 4.94 -1.45 8.02
C LYS D 69 3.83 -1.25 6.98
N VAL D 70 4.17 -0.76 5.78
CA VAL D 70 3.20 -0.58 4.71
C VAL D 70 3.82 -1.12 3.43
N ALA D 71 2.98 -1.28 2.40
CA ALA D 71 3.47 -1.88 1.15
C ALA D 71 4.24 -0.90 0.28
N ARG D 72 3.88 0.38 0.31
CA ARG D 72 4.59 1.38 -0.46
C ARG D 72 4.31 2.75 0.14
N GLY D 73 5.09 3.74 -0.29
CA GLY D 73 4.87 5.10 0.15
C GLY D 73 6.15 5.90 0.20
N ASN D 74 6.03 7.08 0.78
CA ASN D 74 7.12 8.05 0.78
C ASN D 74 7.99 7.82 2.02
N PHE D 75 8.75 6.71 1.98
CA PHE D 75 9.56 6.25 3.12
C PHE D 75 10.96 5.94 2.61
N SER D 76 11.73 6.99 2.35
CA SER D 76 13.08 6.80 1.83
C SER D 76 13.89 5.94 2.80
N GLY D 77 14.58 4.93 2.25
CA GLY D 77 15.45 4.09 3.03
C GLY D 77 14.81 2.83 3.57
N GLU D 78 13.51 2.63 3.33
CA GLU D 78 12.80 1.47 3.86
C GLU D 78 12.41 0.54 2.73
N ILE D 79 12.20 -0.73 3.07
CA ILE D 79 11.66 -1.68 2.11
C ILE D 79 10.46 -2.37 2.74
N SER D 80 9.57 -2.85 1.88
CA SER D 80 8.34 -3.48 2.30
C SER D 80 8.40 -4.98 2.10
N PRO D 81 7.55 -5.73 2.81
CA PRO D 81 7.47 -7.18 2.54
C PRO D 81 7.17 -7.49 1.09
N GLU D 82 6.37 -6.66 0.43
CA GLU D 82 6.09 -6.88 -0.98
C GLU D 82 7.34 -6.77 -1.83
N MET D 83 8.27 -5.89 -1.47
CA MET D 83 9.53 -5.79 -2.19
C MET D 83 10.43 -6.97 -1.88
N ILE D 84 10.41 -7.48 -0.65
CA ILE D 84 11.20 -8.66 -0.32
C ILE D 84 10.71 -9.85 -1.14
N LYS D 85 9.40 -10.06 -1.16
CA LYS D 85 8.84 -11.14 -1.99
C LYS D 85 9.20 -10.94 -3.45
N ASP D 86 9.24 -9.70 -3.91
CA ASP D 86 9.61 -9.40 -5.29
C ASP D 86 11.05 -9.78 -5.60
N CYS D 87 11.89 -9.90 -4.57
CA CYS D 87 13.25 -10.39 -4.72
C CYS D 87 13.35 -11.90 -4.62
N GLY D 88 12.20 -12.57 -4.53
CA GLY D 88 12.15 -14.01 -4.47
C GLY D 88 12.30 -14.60 -3.09
N CYS D 89 12.18 -13.79 -2.04
CA CYS D 89 12.49 -14.21 -0.68
C CYS D 89 11.21 -14.32 0.15
N ASP D 90 11.18 -15.31 1.05
CA ASP D 90 9.95 -15.64 1.77
C ASP D 90 9.94 -15.17 3.22
N TRP D 91 11.09 -14.80 3.78
CA TRP D 91 11.22 -14.59 5.22
C TRP D 91 11.67 -13.17 5.53
N VAL D 92 11.33 -12.71 6.73
CA VAL D 92 11.88 -11.47 7.26
C VAL D 92 12.06 -11.63 8.76
N ILE D 93 13.17 -11.07 9.26
CA ILE D 93 13.45 -10.98 10.68
C ILE D 93 12.87 -9.67 11.17
N LEU D 94 12.12 -9.72 12.26
CA LEU D 94 11.48 -8.52 12.77
C LEU D 94 11.75 -8.39 14.26
N GLY D 95 11.98 -7.16 14.69
CA GLY D 95 12.25 -6.90 16.08
C GLY D 95 13.59 -7.39 16.56
N HIS D 96 14.57 -7.50 15.66
CA HIS D 96 15.88 -8.00 16.07
C HIS D 96 16.43 -7.14 17.21
N PRO D 97 17.11 -7.74 18.18
CA PRO D 97 17.65 -6.96 19.30
C PRO D 97 18.47 -5.75 18.89
N GLU D 98 19.20 -5.83 17.76
CA GLU D 98 19.95 -4.68 17.30
C GLU D 98 19.03 -3.53 16.89
N ARG D 99 17.85 -3.83 16.36
CA ARG D 99 16.96 -2.74 16.01
C ARG D 99 16.20 -2.26 17.22
N ARG D 100 15.94 -3.13 18.21
CA ARG D 100 15.28 -2.67 19.43
C ARG D 100 16.18 -1.79 20.27
N THR D 101 17.50 -2.04 20.25
CA THR D 101 18.40 -1.26 21.07
C THR D 101 19.03 -0.11 20.28
N ILE D 102 19.86 -0.42 19.29
CA ILE D 102 20.56 0.65 18.58
C ILE D 102 19.56 1.61 17.92
N PHE D 103 18.48 1.08 17.35
CA PHE D 103 17.55 1.91 16.60
C PHE D 103 16.28 2.19 17.37
N SER D 104 16.22 1.77 18.63
CA SER D 104 15.17 2.15 19.57
C SER D 104 13.78 1.82 19.03
N GLU D 105 13.66 0.75 18.26
CA GLU D 105 12.36 0.41 17.71
C GLU D 105 11.41 0.01 18.85
N PRO D 106 10.30 0.70 19.02
CA PRO D 106 9.38 0.33 20.10
C PRO D 106 8.53 -0.88 19.73
N ASP D 107 8.01 -1.54 20.77
CA ASP D 107 7.16 -2.71 20.58
C ASP D 107 6.04 -2.42 19.58
N SER D 108 5.36 -1.27 19.74
CA SER D 108 4.21 -0.97 18.88
C SER D 108 4.62 -0.85 17.42
N PHE D 109 5.79 -0.29 17.15
CA PHE D 109 6.34 -0.24 15.79
C PHE D 109 6.55 -1.64 15.22
N ILE D 110 7.24 -2.49 15.98
CA ILE D 110 7.45 -3.87 15.55
C ILE D 110 6.12 -4.59 15.33
N ALA D 111 5.10 -4.26 16.14
CA ALA D 111 3.80 -4.90 15.98
C ALA D 111 3.15 -4.52 14.65
N GLU D 112 3.24 -3.25 14.26
CA GLU D 112 2.70 -2.85 12.96
C GLU D 112 3.43 -3.57 11.83
N LYS D 113 4.75 -3.74 11.96
CA LYS D 113 5.50 -4.45 10.93
C LYS D 113 5.05 -5.90 10.83
N VAL D 114 4.89 -6.57 11.97
CA VAL D 114 4.51 -7.98 11.95
C VAL D 114 3.14 -8.15 11.30
N ALA D 115 2.18 -7.33 11.72
CA ALA D 115 0.83 -7.43 11.17
C ALA D 115 0.83 -7.20 9.66
N HIS D 116 1.60 -6.23 9.18
CA HIS D 116 1.57 -6.00 7.75
C HIS D 116 2.33 -7.10 7.01
N ALA D 117 3.42 -7.59 7.60
CA ALA D 117 4.13 -8.68 6.94
C ALA D 117 3.26 -9.92 6.89
N GLN D 118 2.46 -10.15 7.93
CA GLN D 118 1.49 -11.24 7.87
C GLN D 118 0.49 -11.04 6.74
N GLU D 119 -0.13 -9.86 6.69
CA GLU D 119 -1.06 -9.56 5.58
C GLU D 119 -0.42 -9.83 4.23
N ALA D 120 0.88 -9.53 4.11
CA ALA D 120 1.61 -9.72 2.86
C ALA D 120 2.04 -11.16 2.64
N GLY D 121 1.76 -12.06 3.57
CA GLY D 121 2.15 -13.44 3.35
C GLY D 121 3.61 -13.77 3.59
N MET D 122 4.31 -13.00 4.43
CA MET D 122 5.67 -13.36 4.79
C MET D 122 5.68 -14.42 5.87
N LYS D 123 6.78 -15.14 5.93
CA LYS D 123 7.15 -15.91 7.11
C LYS D 123 8.09 -15.04 7.92
N ILE D 124 7.96 -15.10 9.24
CA ILE D 124 8.56 -14.09 10.11
C ILE D 124 9.38 -14.77 11.20
N ILE D 125 10.60 -14.28 11.42
CA ILE D 125 11.36 -14.62 12.62
C ILE D 125 11.22 -13.42 13.56
N ALA D 126 10.36 -13.52 14.56
CA ALA D 126 10.09 -12.43 15.47
C ALA D 126 10.96 -12.60 16.72
N CYS D 127 11.70 -11.55 17.08
CA CYS D 127 12.72 -11.66 18.12
C CYS D 127 12.28 -11.01 19.42
N LEU D 128 12.64 -11.65 20.53
CA LEU D 128 12.50 -11.10 21.89
C LEU D 128 13.89 -10.90 22.48
N CYS D 129 14.00 -10.01 23.45
CA CYS D 129 15.30 -9.91 24.09
C CYS D 129 15.21 -9.26 25.46
N GLU D 130 16.16 -9.61 26.32
CA GLU D 130 16.33 -8.92 27.59
C GLU D 130 17.72 -8.33 27.61
N THR D 131 17.80 -7.11 28.10
CA THR D 131 19.07 -6.41 28.19
C THR D 131 19.79 -6.77 29.48
N THR D 132 21.04 -6.34 29.57
CA THR D 132 21.78 -6.49 30.82
C THR D 132 21.05 -5.79 31.95
N GLU D 133 20.53 -4.59 31.68
CA GLU D 133 19.78 -3.87 32.71
C GLU D 133 18.52 -4.63 33.13
N ASP D 134 17.75 -5.15 32.17
CA ASP D 134 16.56 -5.93 32.51
C ASP D 134 16.91 -7.07 33.46
N ARG D 135 17.96 -7.82 33.14
CA ARG D 135 18.33 -8.97 33.96
C ARG D 135 18.80 -8.52 35.33
N LYS D 136 19.58 -7.43 35.39
CA LYS D 136 20.09 -6.97 36.67
C LYS D 136 18.97 -6.50 37.59
N GLU D 137 17.95 -5.86 37.03
CA GLU D 137 16.80 -5.38 37.79
C GLU D 137 15.76 -6.45 38.03
N GLY D 138 16.04 -7.69 37.65
CA GLY D 138 15.09 -8.77 37.84
C GLY D 138 13.82 -8.63 37.04
N ARG D 139 13.88 -7.99 35.87
CA ARG D 139 12.71 -7.72 35.05
C ARG D 139 12.62 -8.65 33.84
N THR D 140 13.27 -9.82 33.89
CA THR D 140 13.28 -10.73 32.76
C THR D 140 11.88 -11.14 32.35
N LYS D 141 11.10 -11.61 33.33
CA LYS D 141 9.71 -11.99 33.05
C LYS D 141 8.92 -10.80 32.52
N GLU D 142 9.11 -9.64 33.16
CA GLU D 142 8.31 -8.47 32.79
C GLU D 142 8.55 -8.07 31.33
N VAL D 143 9.82 -8.00 30.92
CA VAL D 143 10.11 -7.53 29.56
C VAL D 143 9.68 -8.55 28.53
N LEU D 144 9.92 -9.84 28.79
CA LEU D 144 9.49 -10.86 27.84
C LEU D 144 7.98 -10.90 27.71
N PHE D 145 7.26 -10.77 28.84
CA PHE D 145 5.80 -10.77 28.79
C PHE D 145 5.28 -9.58 27.98
N LYS D 146 5.88 -8.42 28.19
CA LYS D 146 5.47 -7.23 27.44
C LYS D 146 5.73 -7.38 25.95
N GLN D 147 6.90 -7.96 25.59
CA GLN D 147 7.20 -8.10 24.17
C GLN D 147 6.29 -9.14 23.53
N LEU D 148 6.04 -10.24 24.24
CA LEU D 148 5.14 -11.28 23.75
C LEU D 148 3.73 -10.76 23.57
N LYS D 149 3.21 -10.07 24.59
CA LYS D 149 1.88 -9.50 24.51
C LYS D 149 1.74 -8.61 23.29
N SER D 150 2.75 -7.80 23.00
CA SER D 150 2.70 -6.93 21.84
C SER D 150 2.68 -7.74 20.54
N LEU D 151 3.57 -8.73 20.42
CA LEU D 151 3.63 -9.54 19.20
C LEU D 151 2.34 -10.33 18.99
N ALA D 152 1.79 -10.90 20.07
CA ALA D 152 0.57 -11.69 19.98
C ALA D 152 -0.58 -10.86 19.45
N GLY D 153 -0.64 -9.59 19.83
CA GLY D 153 -1.65 -8.69 19.31
C GLY D 153 -1.54 -8.45 17.82
N ALA D 154 -0.39 -8.76 17.22
CA ALA D 154 -0.20 -8.53 15.80
C ALA D 154 -0.23 -9.80 14.95
N ILE D 155 -0.24 -10.98 15.55
CA ILE D 155 -0.14 -12.23 14.81
C ILE D 155 -1.51 -12.87 14.71
N ARG D 156 -1.91 -13.24 13.49
CA ARG D 156 -3.09 -14.04 13.22
C ARG D 156 -2.77 -15.44 12.73
N ASP D 157 -1.64 -15.62 12.06
CA ASP D 157 -1.24 -16.91 11.47
C ASP D 157 0.06 -17.33 12.14
N TRP D 158 -0.08 -18.10 13.22
CA TRP D 158 1.09 -18.52 13.98
C TRP D 158 1.89 -19.57 13.24
N SER D 159 1.27 -20.26 12.26
CA SER D 159 1.99 -21.25 11.48
C SER D 159 3.17 -20.64 10.71
N ARG D 160 3.16 -19.32 10.50
CA ARG D 160 4.18 -18.66 9.70
C ARG D 160 5.11 -17.80 10.54
N VAL D 161 5.23 -18.10 11.82
CA VAL D 161 6.00 -17.31 12.78
C VAL D 161 6.93 -18.23 13.54
N VAL D 162 8.18 -17.80 13.70
CA VAL D 162 9.15 -18.43 14.58
C VAL D 162 9.58 -17.35 15.57
N LEU D 163 9.73 -17.72 16.83
CA LEU D 163 10.16 -16.78 17.86
C LEU D 163 11.61 -17.07 18.26
N ALA D 164 12.38 -16.01 18.45
CA ALA D 164 13.77 -16.15 18.88
C ALA D 164 14.00 -15.29 20.11
N PHE D 165 14.73 -15.83 21.09
CA PHE D 165 15.06 -15.13 22.32
C PHE D 165 16.56 -14.89 22.42
N GLU D 166 16.96 -13.64 22.63
CA GLU D 166 18.36 -13.31 22.91
C GLU D 166 18.52 -12.71 24.30
N ALA D 167 19.47 -13.23 25.07
CA ALA D 167 19.93 -12.60 26.30
C ALA D 167 21.13 -11.72 25.94
N LEU D 168 20.90 -10.42 25.81
CA LEU D 168 21.97 -9.54 25.35
C LEU D 168 23.12 -9.45 26.34
N TRP D 169 22.89 -9.75 27.62
CA TRP D 169 23.97 -9.79 28.59
C TRP D 169 24.94 -10.92 28.33
N ALA D 170 24.60 -11.83 27.42
CA ALA D 170 25.47 -12.92 27.01
C ALA D 170 26.17 -12.62 25.68
N SER D 171 26.16 -11.38 25.23
CA SER D 171 26.66 -11.00 23.91
C SER D 171 27.89 -10.11 24.07
N ASN D 172 29.07 -10.69 23.79
CA ASN D 172 30.32 -9.94 23.82
C ASN D 172 30.56 -9.31 25.19
N THR D 173 30.26 -10.07 26.25
CA THR D 173 30.42 -9.60 27.62
C THR D 173 31.44 -10.41 28.42
N GLY D 174 31.83 -11.59 27.97
CA GLY D 174 32.59 -12.49 28.80
C GLY D 174 31.75 -13.41 29.65
N VAL D 175 30.42 -13.31 29.57
CA VAL D 175 29.51 -14.22 30.24
C VAL D 175 28.63 -14.87 29.19
N PHE D 176 28.46 -16.18 29.28
CA PHE D 176 27.50 -16.92 28.49
C PHE D 176 26.30 -17.28 29.36
N ALA D 177 25.15 -17.44 28.72
CA ALA D 177 24.03 -18.04 29.42
C ALA D 177 24.32 -19.52 29.63
N THR D 178 23.91 -20.06 30.78
CA THR D 178 24.01 -21.50 30.92
C THR D 178 22.86 -22.18 30.16
N ASN D 179 23.09 -23.43 29.80
CA ASN D 179 22.02 -24.21 29.17
C ASN D 179 20.75 -24.17 30.00
N GLN D 180 20.90 -24.15 31.32
CA GLN D 180 19.76 -24.09 32.23
C GLN D 180 19.03 -22.76 32.12
N GLN D 181 19.77 -21.66 32.01
CA GLN D 181 19.13 -20.34 31.88
C GLN D 181 18.40 -20.22 30.54
N VAL D 182 18.96 -20.83 29.49
CA VAL D 182 18.29 -20.81 28.19
C VAL D 182 17.01 -21.62 28.24
N GLN D 183 17.07 -22.82 28.80
CA GLN D 183 15.88 -23.66 28.85
C GLN D 183 14.80 -23.01 29.69
N GLU D 184 15.19 -22.37 30.78
CA GLU D 184 14.22 -21.67 31.64
C GLU D 184 13.53 -20.54 30.89
N ALA D 185 14.27 -19.79 30.09
CA ALA D 185 13.67 -18.70 29.34
C ALA D 185 12.76 -19.22 28.24
N LEU D 186 13.17 -20.26 27.52
CA LEU D 186 12.32 -20.77 26.44
C LEU D 186 11.06 -21.43 27.00
N ALA D 187 11.20 -22.15 28.13
CA ALA D 187 10.03 -22.74 28.76
C ALA D 187 9.07 -21.68 29.26
N LEU D 188 9.61 -20.54 29.71
CA LEU D 188 8.78 -19.42 30.09
C LEU D 188 7.97 -18.92 28.89
N VAL D 189 8.62 -18.78 27.75
CA VAL D 189 7.95 -18.29 26.54
C VAL D 189 6.89 -19.29 26.08
N ARG D 190 7.25 -20.58 26.03
CA ARG D 190 6.26 -21.56 25.61
C ARG D 190 5.05 -21.59 26.54
N ASP D 191 5.27 -21.43 27.86
CA ASP D 191 4.10 -21.49 28.74
C ASP D 191 3.27 -20.22 28.63
N TRP D 192 3.92 -19.09 28.31
CA TRP D 192 3.16 -17.88 28.02
C TRP D 192 2.22 -18.09 26.84
N LEU D 193 2.71 -18.72 25.78
CA LEU D 193 1.85 -19.04 24.63
C LEU D 193 0.72 -19.98 25.02
N ARG D 194 1.03 -20.99 25.85
CA ARG D 194 -0.04 -21.85 26.38
C ARG D 194 -1.11 -21.05 27.10
N ASN D 195 -0.69 -20.09 27.92
CA ASN D 195 -1.62 -19.39 28.80
C ASN D 195 -2.40 -18.32 28.06
N ASN D 196 -1.76 -17.63 27.12
CA ASN D 196 -2.30 -16.40 26.55
C ASN D 196 -2.72 -16.52 25.09
N VAL D 197 -2.29 -17.56 24.37
CA VAL D 197 -2.73 -17.75 23.00
C VAL D 197 -3.53 -19.04 22.96
N SER D 198 -2.85 -20.18 22.86
CA SER D 198 -3.53 -21.47 22.88
C SER D 198 -2.51 -22.57 23.06
N GLU D 199 -2.96 -23.69 23.60
CA GLU D 199 -2.10 -24.87 23.71
C GLU D 199 -1.57 -25.28 22.34
N ARG D 200 -2.42 -25.26 21.30
CA ARG D 200 -1.97 -25.71 19.99
C ARG D 200 -0.84 -24.84 19.46
N VAL D 201 -0.95 -23.53 19.63
CA VAL D 201 0.11 -22.62 19.16
C VAL D 201 1.39 -22.86 19.95
N ALA D 202 1.28 -23.03 21.27
CA ALA D 202 2.46 -23.34 22.07
C ALA D 202 3.09 -24.65 21.63
N ASP D 203 2.28 -25.63 21.23
CA ASP D 203 2.79 -26.93 20.83
C ASP D 203 3.56 -26.89 19.52
N THR D 204 3.19 -25.98 18.61
CA THR D 204 3.68 -26.02 17.24
C THR D 204 4.61 -24.88 16.87
N THR D 205 4.75 -23.87 17.71
CA THR D 205 5.57 -22.71 17.38
C THR D 205 7.03 -22.97 17.73
N ARG D 206 7.91 -22.76 16.77
CA ARG D 206 9.34 -22.96 17.01
C ARG D 206 9.88 -21.82 17.84
N LEU D 207 10.61 -22.16 18.91
CA LEU D 207 11.30 -21.20 19.76
C LEU D 207 12.81 -21.36 19.58
N LEU D 208 13.49 -20.29 19.20
CA LEU D 208 14.93 -20.34 18.97
C LEU D 208 15.69 -19.62 20.08
N TYR D 209 16.91 -20.07 20.32
CA TYR D 209 17.85 -19.31 21.15
C TYR D 209 18.74 -18.50 20.23
N ALA D 210 18.78 -17.20 20.45
CA ALA D 210 19.69 -16.32 19.74
C ALA D 210 20.84 -16.01 20.67
N GLY D 211 22.02 -16.48 20.31
CA GLY D 211 23.19 -16.21 21.12
C GLY D 211 24.40 -16.86 20.50
N SER D 212 25.49 -16.86 21.26
CA SER D 212 26.75 -17.45 20.80
C SER D 212 26.59 -18.96 20.79
N VAL D 213 26.40 -19.50 19.60
CA VAL D 213 26.31 -20.94 19.39
C VAL D 213 27.30 -21.28 18.29
N ASN D 214 28.08 -22.33 18.49
CA ASN D 214 29.06 -22.71 17.47
C ASN D 214 29.19 -24.23 17.49
N SER D 215 30.15 -24.74 16.72
CA SER D 215 30.31 -26.19 16.58
C SER D 215 30.46 -26.87 17.92
N GLY D 216 31.07 -26.19 18.91
CA GLY D 216 31.41 -26.84 20.16
C GLY D 216 30.28 -26.93 21.18
N ASN D 217 29.24 -26.10 21.05
CA ASN D 217 28.12 -26.20 21.99
C ASN D 217 26.77 -26.42 21.34
N CYS D 218 26.70 -26.61 20.02
CA CYS D 218 25.40 -26.67 19.37
C CYS D 218 24.67 -27.99 19.66
N ARG D 219 25.41 -29.09 19.73
CA ARG D 219 24.74 -30.38 19.98
C ARG D 219 24.15 -30.42 21.38
N GLU D 220 24.86 -29.86 22.34
CA GLU D 220 24.38 -29.82 23.72
C GLU D 220 23.16 -28.93 23.86
N MET D 221 23.18 -27.75 23.23
CA MET D 221 22.02 -26.87 23.37
C MET D 221 20.83 -27.37 22.57
N ALA D 222 21.08 -28.09 21.47
CA ALA D 222 20.00 -28.61 20.65
C ALA D 222 19.16 -29.64 21.39
N ALA D 223 19.69 -30.23 22.45
CA ALA D 223 18.96 -31.22 23.23
C ALA D 223 18.09 -30.60 24.31
N LEU D 224 18.08 -29.27 24.43
CA LEU D 224 17.26 -28.64 25.46
C LEU D 224 15.78 -28.83 25.13
N LYS D 225 14.99 -29.08 26.17
CA LYS D 225 13.61 -29.54 25.97
C LYS D 225 12.81 -28.58 25.09
N ASP D 226 12.82 -27.29 25.41
CA ASP D 226 11.97 -26.34 24.73
C ASP D 226 12.67 -25.57 23.63
N LEU D 227 13.90 -25.96 23.26
CA LEU D 227 14.61 -25.33 22.16
C LEU D 227 14.30 -26.04 20.84
N ASP D 228 13.94 -25.26 19.82
CA ASP D 228 13.64 -25.78 18.49
C ASP D 228 14.64 -25.32 17.44
N GLY D 229 15.70 -24.63 17.84
CA GLY D 229 16.68 -24.20 16.87
C GLY D 229 17.41 -22.95 17.35
N PHE D 230 18.04 -22.26 16.39
CA PHE D 230 19.03 -21.24 16.70
C PHE D 230 18.94 -20.07 15.75
N LEU D 231 19.13 -18.88 16.29
CA LEU D 231 19.37 -17.65 15.51
C LEU D 231 20.83 -17.30 15.74
N VAL D 232 21.65 -17.52 14.71
CA VAL D 232 23.11 -17.48 14.79
C VAL D 232 23.62 -16.21 14.13
N GLY D 233 24.57 -15.53 14.77
CA GLY D 233 25.22 -14.37 14.23
C GLY D 233 26.56 -14.74 13.64
N SER D 234 27.63 -14.74 14.46
CA SER D 234 28.98 -14.89 13.91
C SER D 234 29.20 -16.26 13.29
N ALA D 235 28.62 -17.33 13.87
CA ALA D 235 28.84 -18.65 13.27
C ALA D 235 28.20 -18.79 11.90
N ALA D 236 27.26 -17.90 11.55
CA ALA D 236 26.68 -17.94 10.21
C ALA D 236 27.70 -17.64 9.14
N LEU D 237 28.83 -17.02 9.51
CA LEU D 237 29.89 -16.65 8.57
C LEU D 237 30.97 -17.70 8.48
N LYS D 238 30.79 -18.83 9.14
CA LYS D 238 31.85 -19.80 9.35
C LYS D 238 31.35 -21.20 9.07
N PRO D 239 32.26 -22.18 8.88
CA PRO D 239 31.82 -23.57 8.69
C PRO D 239 30.92 -24.07 9.82
N ASP D 240 30.99 -23.41 10.99
CA ASP D 240 30.14 -23.79 12.11
C ASP D 240 28.67 -23.84 11.74
N ILE D 241 28.21 -22.98 10.83
CA ILE D 241 26.78 -23.00 10.51
C ILE D 241 26.35 -24.38 10.01
N VAL D 242 27.25 -25.10 9.34
CA VAL D 242 26.90 -26.45 8.89
C VAL D 242 26.72 -27.39 10.08
N ASP D 243 27.59 -27.27 11.09
CA ASP D 243 27.46 -28.12 12.27
C ASP D 243 26.21 -27.79 13.07
N ILE D 244 25.82 -26.51 13.09
CA ILE D 244 24.64 -26.11 13.84
C ILE D 244 23.38 -26.65 13.16
N ILE D 245 23.28 -26.53 11.84
CA ILE D 245 22.18 -27.12 11.09
C ILE D 245 22.09 -28.61 11.36
N ASN D 246 23.25 -29.26 11.49
CA ASN D 246 23.34 -30.69 11.71
C ASN D 246 23.37 -31.07 13.19
N ALA D 247 22.94 -30.18 14.08
CA ALA D 247 23.17 -30.40 15.51
C ALA D 247 22.31 -31.53 16.07
N ARG D 248 21.22 -31.88 15.40
CA ARG D 248 20.37 -32.99 15.85
C ARG D 248 20.65 -34.24 15.03
#